data_5ILB
#
_entry.id   5ILB
#
_cell.length_a   106.093
_cell.length_b   106.093
_cell.length_c   255.956
_cell.angle_alpha   90.000
_cell.angle_beta   90.000
_cell.angle_gamma   120.000
#
_symmetry.space_group_name_H-M   'H 3'
#
loop_
_entity.id
_entity.type
_entity.pdbx_description
1 polymer 'Protease Do-like 2, chloroplastic,Protease Do-like 9'
2 water water
#
_entity_poly.entity_id   1
_entity_poly.type   'polypeptide(L)'
_entity_poly.pdbx_seq_one_letter_code
;GHDASFLNAVVKVYCTHTAPDYSLPWQKQRQFTSTGSAFMIGDGKLLTNAHCVEHDTQVKVKRRGDDRKYVAKVLVRGVD
CDIALLSVESEDFWKGAEPLRLGHLPRLQDSVTVVGYPLGGDTISVTKGVVSRIEVTSYAHGSSDLLGIQIDAAINPGNS
GGPAFNDQGECIGVAFQVYRSEETENIGYVIPTTVVSHFLTDYERNGKYTGFPVLGIEWQKMENPDLRKSMGMESHQKGV
RIRRIEPTAPESQVLKPSDIILSFDGVNIANDGTVPFRHGERIGFSYLISQKYTGDSALVKVLRNKEILEFNIKLAIHKR
LIPAHISGKPPSYFIVAGFVFTTVSVPYLRSEYGKEYEFDAPVKLLEKHLHAMAQSVDEQLVVVSQVLVSDINIGYEEIV
NTQVVAFNGKPVKNLKGLAGMVENCEDEYMKFNLDYDQIVVLDTKTAKEATLDILTTHCIPSAMSDDLKTEERN
;
_entity_poly.pdbx_strand_id   A,B
#
# COMPACT_ATOMS: atom_id res chain seq x y z
N ALA A 4 36.11 38.81 8.50
CA ALA A 4 36.42 37.40 8.71
C ALA A 4 36.16 36.96 10.15
N SER A 5 35.78 37.92 10.99
CA SER A 5 35.46 37.64 12.38
C SER A 5 34.18 36.80 12.48
N PHE A 6 33.35 36.86 11.45
CA PHE A 6 32.09 36.10 11.42
C PHE A 6 32.33 34.59 11.42
N LEU A 7 33.42 34.15 10.79
CA LEU A 7 33.76 32.73 10.73
C LEU A 7 33.93 32.11 12.11
N ASN A 8 34.46 32.88 13.05
CA ASN A 8 34.78 32.35 14.37
C ASN A 8 33.57 32.00 15.21
N ALA A 9 32.40 32.47 14.79
CA ALA A 9 31.17 32.13 15.50
C ALA A 9 30.61 30.79 15.03
N VAL A 10 31.25 30.19 14.03
CA VAL A 10 30.76 28.94 13.44
C VAL A 10 31.61 27.74 13.90
N VAL A 11 30.97 26.78 14.55
CA VAL A 11 31.71 25.69 15.19
C VAL A 11 31.37 24.34 14.58
N LYS A 12 32.28 23.38 14.74
CA LYS A 12 32.05 22.04 14.19
C LYS A 12 31.36 21.17 15.23
N VAL A 13 30.34 20.42 14.81
CA VAL A 13 29.62 19.53 15.71
C VAL A 13 30.03 18.08 15.50
N TYR A 14 30.35 17.39 16.58
CA TYR A 14 30.61 15.95 16.53
C TYR A 14 29.55 15.25 17.38
N CYS A 15 28.81 14.31 16.79
CA CYS A 15 27.74 13.65 17.53
C CYS A 15 27.85 12.14 17.46
N THR A 16 27.78 11.51 18.62
CA THR A 16 27.60 10.07 18.70
C THR A 16 26.13 9.79 18.96
N HIS A 17 25.49 9.09 18.02
CA HIS A 17 24.08 8.77 18.14
C HIS A 17 23.91 7.32 18.58
N THR A 18 22.95 7.08 19.46
CA THR A 18 22.55 5.71 19.77
C THR A 18 21.03 5.64 19.73
N ALA A 19 20.51 5.12 18.62
CA ALA A 19 19.08 5.08 18.37
C ALA A 19 18.44 3.84 18.96
N PRO A 20 17.19 3.97 19.43
CA PRO A 20 16.45 2.80 19.89
C PRO A 20 16.19 1.87 18.71
N ASP A 21 16.16 0.58 18.97
CA ASP A 21 15.78 -0.37 17.95
C ASP A 21 14.26 -0.47 17.98
N TYR A 22 13.60 0.16 17.02
CA TYR A 22 12.13 0.18 17.01
C TYR A 22 11.56 -1.21 16.85
N SER A 23 12.32 -2.07 16.17
CA SER A 23 11.92 -3.46 15.95
C SER A 23 12.15 -4.33 17.19
N LEU A 24 13.08 -3.91 18.04
CA LEU A 24 13.34 -4.59 19.31
C LEU A 24 13.45 -3.56 20.42
N PRO A 25 12.32 -2.90 20.77
CA PRO A 25 12.26 -1.67 21.57
C PRO A 25 12.87 -1.74 22.98
N TRP A 26 13.28 -2.93 23.40
CA TRP A 26 13.92 -3.08 24.71
C TRP A 26 15.41 -2.73 24.64
N GLN A 27 15.95 -2.63 23.44
CA GLN A 27 17.38 -2.40 23.29
C GLN A 27 17.70 -1.26 22.33
N LYS A 28 18.97 -0.91 22.22
CA LYS A 28 19.43 0.16 21.33
C LYS A 28 20.10 -0.43 20.09
N GLN A 29 20.20 0.39 19.04
CA GLN A 29 20.96 0.01 17.86
C GLN A 29 22.44 0.30 18.12
N ARG A 30 23.28 0.01 17.14
CA ARG A 30 24.71 0.25 17.31
C ARG A 30 25.01 1.74 17.26
N GLN A 31 25.92 2.17 18.12
CA GLN A 31 26.48 3.52 18.08
C GLN A 31 26.92 3.91 16.66
N PHE A 32 26.72 5.17 16.31
CA PHE A 32 27.32 5.69 15.10
C PHE A 32 27.56 7.19 15.24
N THR A 33 28.51 7.70 14.47
CA THR A 33 28.91 9.10 14.59
C THR A 33 28.58 9.86 13.33
N SER A 34 28.30 11.15 13.49
CA SER A 34 28.14 12.05 12.37
C SER A 34 28.80 13.36 12.75
N THR A 35 28.98 14.24 11.79
CA THR A 35 29.41 15.60 12.11
C THR A 35 28.51 16.61 11.42
N GLY A 36 28.47 17.81 11.96
CA GLY A 36 27.68 18.89 11.40
C GLY A 36 28.29 20.23 11.76
N SER A 37 27.45 21.26 11.76
CA SER A 37 27.88 22.62 12.10
C SER A 37 26.90 23.27 13.06
N ALA A 38 27.33 24.36 13.67
CA ALA A 38 26.49 25.15 14.57
C ALA A 38 27.07 26.55 14.68
N PHE A 39 26.30 27.49 15.22
CA PHE A 39 26.80 28.85 15.37
C PHE A 39 26.27 29.59 16.60
N MET A 40 27.04 30.56 17.06
CA MET A 40 26.70 31.33 18.25
C MET A 40 25.61 32.35 17.94
N ILE A 41 24.55 32.32 18.75
CA ILE A 41 23.43 33.25 18.55
C ILE A 41 23.22 34.16 19.75
N GLY A 42 24.09 34.01 20.75
CA GLY A 42 24.04 34.88 21.92
C GLY A 42 23.57 34.16 23.18
N ASP A 43 23.85 34.77 24.33
CA ASP A 43 23.42 34.23 25.63
C ASP A 43 23.82 32.79 25.89
N GLY A 44 25.05 32.43 25.52
CA GLY A 44 25.56 31.10 25.79
C GLY A 44 24.85 29.99 25.02
N LYS A 45 24.28 30.32 23.88
CA LYS A 45 23.60 29.31 23.08
C LYS A 45 24.20 29.15 21.69
N LEU A 46 24.23 27.90 21.21
CA LEU A 46 24.57 27.57 19.84
C LEU A 46 23.33 27.04 19.15
N LEU A 47 23.14 27.39 17.88
CA LEU A 47 22.03 26.83 17.12
C LEU A 47 22.59 25.81 16.12
N THR A 48 21.88 24.70 15.96
CA THR A 48 22.23 23.70 14.95
C THR A 48 20.93 23.10 14.44
N ASN A 49 21.00 22.11 13.56
CA ASN A 49 19.82 21.38 13.14
C ASN A 49 19.50 20.28 14.14
N ALA A 50 18.21 20.03 14.38
CA ALA A 50 17.82 18.90 15.22
C ALA A 50 18.35 17.58 14.66
N HIS A 51 18.43 17.45 13.34
CA HIS A 51 18.87 16.18 12.77
C HIS A 51 20.36 15.91 13.03
N CYS A 52 21.10 16.95 13.40
CA CYS A 52 22.52 16.79 13.72
C CYS A 52 22.74 16.07 15.05
N VAL A 53 21.74 16.10 15.93
CA VAL A 53 21.91 15.58 17.29
C VAL A 53 20.82 14.61 17.71
N GLU A 54 20.13 14.02 16.73
CA GLU A 54 19.06 13.08 17.02
C GLU A 54 19.58 11.83 17.73
N HIS A 55 18.93 11.45 18.83
CA HIS A 55 19.31 10.28 19.64
C HIS A 55 20.73 10.40 20.18
N ASP A 56 21.11 11.60 20.62
CA ASP A 56 22.48 11.83 21.05
C ASP A 56 22.83 11.08 22.32
N THR A 57 24.00 10.46 22.34
CA THR A 57 24.57 9.96 23.58
C THR A 57 25.79 10.79 23.94
N GLN A 58 26.31 11.52 22.95
CA GLN A 58 27.32 12.54 23.22
C GLN A 58 27.39 13.56 22.08
N VAL A 59 27.53 14.83 22.46
CA VAL A 59 27.73 15.90 21.50
C VAL A 59 28.95 16.70 21.93
N LYS A 60 29.84 16.97 20.98
CA LYS A 60 30.98 17.85 21.23
C LYS A 60 31.07 18.92 20.16
N VAL A 61 31.66 20.06 20.50
CA VAL A 61 31.87 21.14 19.53
C VAL A 61 33.33 21.60 19.52
N LYS A 62 33.75 22.17 18.40
CA LYS A 62 35.11 22.69 18.28
C LYS A 62 35.07 24.05 17.59
N ARG A 63 35.66 25.05 18.22
CA ARG A 63 35.72 26.37 17.61
C ARG A 63 37.03 26.54 16.85
N ARG A 64 37.02 27.43 15.86
CA ARG A 64 38.19 27.68 15.04
C ARG A 64 39.36 28.12 15.91
N GLY A 65 40.54 27.63 15.58
CA GLY A 65 41.75 28.05 16.26
C GLY A 65 42.05 27.29 17.54
N ASP A 66 41.08 26.50 18.01
CA ASP A 66 41.25 25.72 19.24
C ASP A 66 41.16 24.23 18.89
N ASP A 67 42.13 23.45 19.35
CA ASP A 67 42.15 22.01 19.00
C ASP A 67 41.17 21.17 19.82
N ARG A 68 40.78 21.69 20.98
CA ARG A 68 39.93 20.93 21.91
C ARG A 68 38.50 20.75 21.43
N LYS A 69 37.94 19.56 21.67
CA LYS A 69 36.52 19.32 21.43
C LYS A 69 35.78 19.36 22.75
N TYR A 70 34.88 20.33 22.89
CA TYR A 70 34.20 20.56 24.17
C TYR A 70 32.84 19.86 24.24
N VAL A 71 32.56 19.23 25.38
CA VAL A 71 31.26 18.62 25.60
C VAL A 71 30.13 19.64 25.58
N ALA A 72 29.09 19.34 24.79
CA ALA A 72 27.90 20.17 24.74
C ALA A 72 26.67 19.37 25.13
N LYS A 73 25.59 20.07 25.49
CA LYS A 73 24.32 19.42 25.79
C LYS A 73 23.20 20.05 24.97
N VAL A 74 22.23 19.23 24.57
CA VAL A 74 21.07 19.74 23.86
C VAL A 74 20.12 20.43 24.84
N LEU A 75 19.96 21.74 24.68
CA LEU A 75 19.08 22.53 25.53
CA LEU A 75 19.10 22.52 25.54
C LEU A 75 17.62 22.27 25.22
N VAL A 76 17.29 22.35 23.93
CA VAL A 76 15.92 22.21 23.47
C VAL A 76 15.96 21.87 21.99
N ARG A 77 15.00 21.06 21.55
CA ARG A 77 14.91 20.76 20.11
C ARG A 77 13.51 20.95 19.55
N GLY A 78 13.45 21.40 18.30
CA GLY A 78 12.21 21.50 17.56
C GLY A 78 12.27 20.56 16.39
N VAL A 79 11.69 19.38 16.53
CA VAL A 79 11.86 18.32 15.55
C VAL A 79 11.32 18.71 14.17
N ASP A 80 10.15 19.33 14.13
CA ASP A 80 9.53 19.59 12.84
C ASP A 80 10.06 20.81 12.08
N CYS A 81 10.71 21.74 12.80
CA CYS A 81 11.40 22.85 12.12
C CYS A 81 12.90 22.57 11.98
N ASP A 82 13.31 21.41 12.51
CA ASP A 82 14.70 20.95 12.41
C ASP A 82 15.72 21.89 13.04
N ILE A 83 15.41 22.39 14.23
CA ILE A 83 16.31 23.28 14.94
C ILE A 83 16.58 22.70 16.32
N ALA A 84 17.80 22.85 16.81
CA ALA A 84 18.11 22.56 18.20
C ALA A 84 19.08 23.60 18.74
N LEU A 85 18.99 23.88 20.04
CA LEU A 85 19.93 24.77 20.70
C LEU A 85 20.85 23.97 21.59
N LEU A 86 22.13 24.36 21.61
CA LEU A 86 23.12 23.67 22.42
C LEU A 86 23.67 24.60 23.50
N SER A 87 24.03 24.01 24.64
CA SER A 87 24.73 24.72 25.70
CA SER A 87 24.73 24.72 25.69
C SER A 87 26.12 24.12 25.82
N VAL A 88 27.07 24.92 26.29
CA VAL A 88 28.44 24.42 26.51
C VAL A 88 28.94 24.91 27.87
N GLU A 89 29.29 23.99 28.74
CA GLU A 89 29.66 24.34 30.12
C GLU A 89 31.00 25.06 30.22
N SER A 90 32.00 24.56 29.50
CA SER A 90 33.36 25.10 29.57
C SER A 90 33.45 26.59 29.25
N GLU A 91 33.98 27.37 30.20
CA GLU A 91 34.14 28.80 30.00
C GLU A 91 35.25 29.12 29.00
N ASP A 92 36.15 28.18 28.81
CA ASP A 92 37.23 28.33 27.83
C ASP A 92 36.67 28.39 26.42
N PHE A 93 35.60 27.63 26.16
CA PHE A 93 34.95 27.63 24.86
C PHE A 93 34.36 29.01 24.54
N TRP A 94 33.80 29.66 25.54
CA TRP A 94 33.05 30.89 25.32
C TRP A 94 33.90 32.15 25.35
N LYS A 95 35.19 32.02 25.64
CA LYS A 95 36.06 33.18 25.75
C LYS A 95 36.15 33.97 24.44
N GLY A 96 35.82 35.25 24.49
CA GLY A 96 35.93 36.11 23.33
C GLY A 96 34.86 35.87 22.27
N ALA A 97 33.80 35.16 22.65
CA ALA A 97 32.73 34.83 21.72
C ALA A 97 32.04 36.08 21.18
N GLU A 98 31.78 36.08 19.87
CA GLU A 98 31.02 37.15 19.22
C GLU A 98 29.88 36.55 18.40
N PRO A 99 28.67 36.58 18.97
CA PRO A 99 27.52 35.93 18.35
C PRO A 99 27.04 36.63 17.07
N LEU A 100 26.41 35.85 16.19
CA LEU A 100 25.87 36.41 14.96
C LEU A 100 24.57 37.13 15.22
N ARG A 101 24.25 38.10 14.37
CA ARG A 101 22.96 38.75 14.41
C ARG A 101 22.10 38.23 13.27
N LEU A 102 20.81 38.08 13.52
CA LEU A 102 19.88 37.60 12.50
C LEU A 102 19.40 38.75 11.61
N GLY A 103 19.40 38.51 10.30
CA GLY A 103 18.97 39.53 9.36
C GLY A 103 17.54 39.30 8.93
N HIS A 104 17.02 40.17 8.08
CA HIS A 104 15.66 40.02 7.58
C HIS A 104 15.62 39.03 6.43
N LEU A 105 14.42 38.55 6.09
CA LEU A 105 14.23 37.70 4.93
C LEU A 105 14.82 38.38 3.70
N PRO A 106 15.65 37.66 2.94
CA PRO A 106 16.29 38.29 1.77
C PRO A 106 15.37 38.34 0.55
N ARG A 107 15.85 38.99 -0.51
CA ARG A 107 15.12 39.00 -1.77
C ARG A 107 15.81 38.09 -2.78
N LEU A 108 15.06 37.61 -3.77
CA LEU A 108 15.65 36.78 -4.81
C LEU A 108 16.82 37.52 -5.45
N GLN A 109 17.89 36.78 -5.73
CA GLN A 109 19.13 37.25 -6.35
C GLN A 109 20.11 37.90 -5.36
N ASP A 110 19.69 38.09 -4.11
CA ASP A 110 20.61 38.57 -3.07
C ASP A 110 21.77 37.61 -2.94
N SER A 111 22.99 38.14 -2.84
CA SER A 111 24.16 37.32 -2.59
C SER A 111 24.06 36.58 -1.24
N VAL A 112 24.52 35.33 -1.20
CA VAL A 112 24.51 34.56 0.02
C VAL A 112 25.76 33.70 0.15
N THR A 113 26.31 33.61 1.35
CA THR A 113 27.44 32.71 1.60
C THR A 113 27.08 31.70 2.69
N VAL A 114 27.48 30.46 2.47
CA VAL A 114 27.21 29.39 3.42
C VAL A 114 28.51 29.01 4.12
N VAL A 115 28.49 28.94 5.45
CA VAL A 115 29.70 28.68 6.21
C VAL A 115 29.48 27.47 7.13
N GLY A 116 30.38 26.50 7.07
CA GLY A 116 30.22 25.30 7.87
C GLY A 116 31.34 24.30 7.68
N TYR A 117 31.07 23.04 8.02
CA TYR A 117 32.10 22.00 8.00
C TYR A 117 31.70 20.77 7.16
N PRO A 118 31.63 20.95 5.83
CA PRO A 118 31.22 19.84 4.96
C PRO A 118 32.36 18.85 4.70
N LEU A 119 32.01 17.74 4.07
CA LEU A 119 32.97 16.77 3.56
C LEU A 119 34.03 17.44 2.68
N GLY A 120 35.16 16.76 2.49
CA GLY A 120 36.21 17.26 1.61
C GLY A 120 37.34 17.91 2.36
N GLY A 121 37.26 17.88 3.69
CA GLY A 121 38.26 18.53 4.52
C GLY A 121 37.77 18.62 5.96
N ASP A 122 38.66 19.00 6.86
CA ASP A 122 38.32 19.05 8.27
CA ASP A 122 38.34 19.05 8.28
C ASP A 122 38.03 20.46 8.77
N THR A 123 38.61 21.46 8.10
CA THR A 123 38.45 22.86 8.54
C THR A 123 37.23 23.53 7.93
N ILE A 124 37.00 24.78 8.33
CA ILE A 124 35.82 25.53 7.91
C ILE A 124 35.83 25.77 6.39
N SER A 125 34.64 25.80 5.80
CA SER A 125 34.51 26.01 4.36
C SER A 125 33.44 27.04 4.07
N VAL A 126 33.68 27.87 3.07
CA VAL A 126 32.70 28.88 2.63
CA VAL A 126 32.67 28.83 2.64
C VAL A 126 32.29 28.61 1.19
N THR A 127 30.99 28.70 0.90
CA THR A 127 30.54 28.65 -0.48
C THR A 127 29.65 29.87 -0.74
N LYS A 128 29.51 30.25 -2.00
CA LYS A 128 28.81 31.50 -2.29
C LYS A 128 27.89 31.34 -3.48
N GLY A 129 26.75 32.01 -3.45
CA GLY A 129 25.80 31.95 -4.55
C GLY A 129 24.76 33.04 -4.35
N VAL A 130 23.54 32.78 -4.81
CA VAL A 130 22.46 33.74 -4.60
C VAL A 130 21.22 33.07 -4.01
N VAL A 131 20.33 33.89 -3.46
CA VAL A 131 19.02 33.42 -3.06
C VAL A 131 18.22 33.13 -4.33
N SER A 132 17.74 31.90 -4.46
CA SER A 132 17.08 31.45 -5.69
C SER A 132 15.57 31.55 -5.65
N ARG A 133 14.99 31.13 -4.54
CA ARG A 133 13.55 30.96 -4.48
C ARG A 133 13.10 30.94 -3.02
N ILE A 134 11.93 31.52 -2.75
CA ILE A 134 11.37 31.54 -1.41
C ILE A 134 9.91 31.16 -1.47
N GLU A 135 9.55 30.08 -0.77
CA GLU A 135 8.16 29.64 -0.68
C GLU A 135 8.01 28.61 0.42
N VAL A 136 6.79 28.15 0.66
CA VAL A 136 6.57 27.09 1.64
C VAL A 136 7.27 25.84 1.15
N THR A 137 8.02 25.22 2.05
CA THR A 137 8.95 24.17 1.68
C THR A 137 8.76 22.96 2.58
N SER A 138 8.89 21.77 2.01
CA SER A 138 8.84 20.56 2.81
C SER A 138 10.14 20.32 3.55
N TYR A 139 10.09 20.37 4.87
CA TYR A 139 11.25 20.08 5.71
C TYR A 139 11.33 18.56 5.83
N ALA A 140 12.30 17.96 5.13
CA ALA A 140 12.38 16.51 5.00
C ALA A 140 12.51 15.76 6.33
N HIS A 141 13.47 16.16 7.15
CA HIS A 141 13.66 15.48 8.43
C HIS A 141 12.55 15.81 9.41
N GLY A 142 12.07 17.05 9.36
CA GLY A 142 11.03 17.50 10.26
C GLY A 142 9.63 17.09 9.83
N SER A 143 9.48 16.68 8.57
CA SER A 143 8.18 16.29 8.02
C SER A 143 7.09 17.33 8.29
N SER A 144 7.36 18.57 7.89
CA SER A 144 6.40 19.66 8.05
C SER A 144 6.59 20.66 6.91
N ASP A 145 5.65 21.58 6.76
CA ASP A 145 5.69 22.53 5.66
C ASP A 145 5.80 23.97 6.17
N LEU A 146 6.99 24.55 6.06
CA LEU A 146 7.28 25.88 6.58
C LEU A 146 7.99 26.71 5.52
N LEU A 147 8.04 28.02 5.70
CA LEU A 147 8.79 28.88 4.76
C LEU A 147 10.22 28.39 4.62
N GLY A 148 10.73 28.38 3.38
CA GLY A 148 12.09 27.93 3.14
C GLY A 148 12.76 28.80 2.09
N ILE A 149 14.07 28.96 2.21
CA ILE A 149 14.81 29.71 1.21
C ILE A 149 15.69 28.76 0.41
N GLN A 150 15.50 28.75 -0.90
CA GLN A 150 16.34 27.95 -1.78
C GLN A 150 17.48 28.82 -2.25
N ILE A 151 18.68 28.26 -2.29
CA ILE A 151 19.86 29.01 -2.73
C ILE A 151 20.69 28.16 -3.69
N ASP A 152 21.55 28.82 -4.46
CA ASP A 152 22.38 28.08 -5.40
C ASP A 152 23.86 28.03 -5.00
N ALA A 153 24.16 28.46 -3.77
CA ALA A 153 25.46 28.20 -3.15
C ALA A 153 25.49 26.73 -2.72
N ALA A 154 26.59 26.04 -2.96
CA ALA A 154 26.67 24.60 -2.74
C ALA A 154 26.56 24.23 -1.26
N ILE A 155 25.63 23.32 -0.96
CA ILE A 155 25.48 22.79 0.39
C ILE A 155 25.81 21.30 0.34
N ASN A 156 26.71 20.87 1.23
CA ASN A 156 27.20 19.51 1.20
C ASN A 156 26.97 18.82 2.56
N PRO A 157 27.10 17.49 2.61
CA PRO A 157 26.96 16.84 3.92
C PRO A 157 27.97 17.44 4.91
N GLY A 158 27.50 17.79 6.11
CA GLY A 158 28.35 18.46 7.09
C GLY A 158 28.02 19.94 7.25
N ASN A 159 27.43 20.53 6.21
CA ASN A 159 26.99 21.92 6.29
C ASN A 159 25.80 22.13 7.23
N SER A 160 25.00 21.07 7.42
CA SER A 160 23.80 21.12 8.27
C SER A 160 24.08 21.90 9.55
N GLY A 161 23.26 22.91 9.85
CA GLY A 161 23.36 23.61 11.11
C GLY A 161 24.19 24.88 11.09
N GLY A 162 24.95 25.09 10.00
CA GLY A 162 25.74 26.30 9.85
C GLY A 162 24.91 27.44 9.29
N PRO A 163 25.41 28.69 9.43
CA PRO A 163 24.65 29.85 8.97
C PRO A 163 24.82 30.14 7.48
N ALA A 164 23.80 30.75 6.90
CA ALA A 164 23.91 31.42 5.61
C ALA A 164 23.93 32.92 5.91
N PHE A 165 24.82 33.66 5.26
CA PHE A 165 25.01 35.08 5.51
C PHE A 165 24.59 35.92 4.31
N ASN A 166 24.02 37.11 4.55
CA ASN A 166 23.90 38.09 3.47
C ASN A 166 25.22 38.86 3.35
N ASP A 167 25.30 39.79 2.40
CA ASP A 167 26.57 40.48 2.15
CA ASP A 167 26.57 40.48 2.15
C ASP A 167 26.95 41.47 3.26
N GLN A 168 26.04 41.68 4.21
CA GLN A 168 26.32 42.55 5.34
C GLN A 168 26.78 41.76 6.57
N GLY A 169 26.93 40.45 6.42
CA GLY A 169 27.41 39.61 7.50
C GLY A 169 26.34 39.23 8.51
N GLU A 170 25.07 39.46 8.16
CA GLU A 170 23.97 39.03 9.01
C GLU A 170 23.57 37.62 8.62
N CYS A 171 23.15 36.83 9.58
CA CYS A 171 22.68 35.49 9.31
C CYS A 171 21.26 35.54 8.77
N ILE A 172 21.06 35.06 7.55
CA ILE A 172 19.70 35.02 6.98
C ILE A 172 19.06 33.65 7.10
N GLY A 173 19.75 32.73 7.77
CA GLY A 173 19.14 31.46 8.10
C GLY A 173 20.12 30.33 8.30
N VAL A 174 19.60 29.11 8.38
CA VAL A 174 20.40 27.92 8.67
C VAL A 174 20.41 26.94 7.50
N ALA A 175 21.59 26.64 6.96
CA ALA A 175 21.70 25.63 5.90
C ALA A 175 21.28 24.28 6.47
N PHE A 176 20.39 23.57 5.79
CA PHE A 176 19.80 22.38 6.40
C PHE A 176 19.44 21.18 5.49
N GLN A 177 19.18 21.41 4.21
CA GLN A 177 18.82 20.28 3.34
C GLN A 177 19.05 20.57 1.86
N VAL A 178 19.07 19.52 1.05
CA VAL A 178 19.24 19.69 -0.39
C VAL A 178 18.26 18.81 -1.15
N TYR A 179 18.01 19.19 -2.41
CA TYR A 179 17.29 18.37 -3.36
C TYR A 179 18.35 17.81 -4.31
N ARG A 180 18.68 16.52 -4.16
CA ARG A 180 19.70 15.90 -5.01
C ARG A 180 19.14 14.78 -5.88
N SER A 181 19.41 14.88 -7.18
CA SER A 181 19.10 13.81 -8.12
CA SER A 181 19.08 13.84 -8.13
C SER A 181 20.14 13.88 -9.22
N GLU A 182 20.18 12.87 -10.08
CA GLU A 182 21.13 12.90 -11.18
C GLU A 182 20.79 14.03 -12.14
N GLU A 183 19.57 14.54 -12.05
CA GLU A 183 19.11 15.56 -12.98
C GLU A 183 19.35 16.98 -12.49
N THR A 184 19.56 17.15 -11.18
CA THR A 184 19.57 18.50 -10.61
C THR A 184 20.93 18.99 -10.09
N GLU A 185 21.09 20.31 -10.02
CA GLU A 185 22.30 20.96 -9.53
C GLU A 185 21.97 22.17 -8.67
N ASN A 186 22.69 22.32 -7.56
CA ASN A 186 22.63 23.53 -6.73
C ASN A 186 21.22 23.91 -6.28
N ILE A 187 20.44 22.92 -5.87
CA ILE A 187 19.17 23.18 -5.22
C ILE A 187 19.34 22.85 -3.75
N GLY A 188 19.55 23.89 -2.94
CA GLY A 188 19.81 23.72 -1.53
C GLY A 188 18.93 24.66 -0.75
N TYR A 189 18.62 24.31 0.49
CA TYR A 189 17.65 25.05 1.26
C TYR A 189 18.20 25.55 2.59
N VAL A 190 17.59 26.64 3.06
CA VAL A 190 17.99 27.34 4.26
C VAL A 190 16.75 27.61 5.12
N ILE A 191 16.83 27.31 6.41
CA ILE A 191 15.75 27.67 7.32
C ILE A 191 15.80 29.18 7.53
N PRO A 192 14.74 29.89 7.13
CA PRO A 192 14.76 31.36 7.18
C PRO A 192 14.84 31.93 8.60
N THR A 193 15.34 33.16 8.74
CA THR A 193 15.37 33.81 10.05
C THR A 193 14.00 33.97 10.69
N THR A 194 12.96 34.07 9.87
CA THR A 194 11.60 34.20 10.40
C THR A 194 11.19 32.94 11.16
N VAL A 195 11.61 31.79 10.63
CA VAL A 195 11.34 30.51 11.29
C VAL A 195 12.22 30.34 12.52
N VAL A 196 13.47 30.73 12.40
CA VAL A 196 14.41 30.69 13.53
C VAL A 196 13.90 31.59 14.66
N SER A 197 13.48 32.80 14.30
CA SER A 197 12.95 33.74 15.29
C SER A 197 11.70 33.21 15.98
N HIS A 198 10.83 32.54 15.22
CA HIS A 198 9.63 31.92 15.76
C HIS A 198 10.00 30.91 16.85
N PHE A 199 10.97 30.05 16.52
CA PHE A 199 11.46 29.04 17.46
C PHE A 199 12.04 29.67 18.73
N LEU A 200 12.88 30.69 18.56
CA LEU A 200 13.55 31.32 19.69
C LEU A 200 12.57 32.08 20.58
N THR A 201 11.66 32.83 19.95
CA THR A 201 10.60 33.53 20.67
C THR A 201 9.75 32.55 21.44
N ASP A 202 9.43 31.43 20.80
CA ASP A 202 8.63 30.37 21.40
C ASP A 202 9.31 29.85 22.66
N TYR A 203 10.58 29.47 22.53
CA TYR A 203 11.36 28.95 23.64
C TYR A 203 11.51 29.98 24.78
N GLU A 204 11.67 31.25 24.40
CA GLU A 204 11.82 32.31 25.39
C GLU A 204 10.54 32.50 26.21
N ARG A 205 9.39 32.52 25.52
CA ARG A 205 8.10 32.73 26.17
C ARG A 205 7.71 31.57 27.08
N ASN A 206 7.88 30.35 26.59
CA ASN A 206 7.27 29.20 27.24
C ASN A 206 8.22 28.29 27.98
N GLY A 207 9.52 28.60 27.91
CA GLY A 207 10.52 27.75 28.53
C GLY A 207 10.62 26.38 27.88
N LYS A 208 9.97 26.23 26.74
CA LYS A 208 9.99 24.96 26.00
C LYS A 208 9.51 25.22 24.57
N TYR A 209 9.60 24.19 23.73
CA TYR A 209 9.16 24.28 22.34
C TYR A 209 7.69 23.89 22.26
N THR A 210 6.88 24.75 21.64
CA THR A 210 5.45 24.48 21.51
C THR A 210 5.00 24.28 20.07
N GLY A 211 5.94 24.30 19.14
CA GLY A 211 5.66 23.94 17.75
C GLY A 211 5.16 25.05 16.85
N PHE A 212 4.74 24.66 15.66
CA PHE A 212 4.21 25.59 14.66
C PHE A 212 2.80 25.14 14.33
N PRO A 213 1.80 25.99 14.60
CA PRO A 213 0.43 25.55 14.40
C PRO A 213 0.13 25.27 12.93
N VAL A 214 -0.83 24.39 12.70
CA VAL A 214 -1.29 24.08 11.36
C VAL A 214 -2.70 23.59 11.50
N LEU A 215 -3.64 24.30 10.88
CA LEU A 215 -5.04 23.94 11.05
C LEU A 215 -5.33 22.55 10.50
N GLY A 216 -6.15 21.82 11.24
CA GLY A 216 -6.43 20.44 10.93
C GLY A 216 -7.50 20.31 9.88
N ILE A 217 -7.24 20.85 8.68
CA ILE A 217 -8.17 20.65 7.59
C ILE A 217 -7.46 20.17 6.32
N GLU A 218 -8.16 19.30 5.59
CA GLU A 218 -7.74 18.92 4.26
C GLU A 218 -8.63 19.72 3.32
N TRP A 219 -8.09 20.17 2.20
CA TRP A 219 -8.88 21.02 1.32
C TRP A 219 -8.74 20.68 -0.16
N GLN A 220 -9.65 21.22 -0.96
CA GLN A 220 -9.65 20.98 -2.40
C GLN A 220 -9.69 22.31 -3.15
N LYS A 221 -8.88 22.41 -4.20
CA LYS A 221 -8.89 23.62 -5.02
C LYS A 221 -10.24 23.80 -5.70
N MET A 222 -10.57 25.04 -6.05
CA MET A 222 -11.84 25.36 -6.67
C MET A 222 -11.64 26.05 -8.01
N GLU A 223 -10.75 25.50 -8.83
CA GLU A 223 -10.42 26.13 -10.11
C GLU A 223 -11.52 26.00 -11.16
N ASN A 224 -12.37 24.99 -11.02
CA ASN A 224 -13.45 24.80 -11.99
C ASN A 224 -14.65 25.71 -11.73
N PRO A 225 -15.11 26.43 -12.78
CA PRO A 225 -16.22 27.37 -12.64
C PRO A 225 -17.57 26.70 -12.35
N ASP A 226 -17.82 25.52 -12.93
CA ASP A 226 -19.05 24.80 -12.64
C ASP A 226 -19.09 24.38 -11.18
N LEU A 227 -17.95 23.91 -10.69
CA LEU A 227 -17.80 23.56 -9.29
C LEU A 227 -18.16 24.74 -8.39
N ARG A 228 -17.56 25.90 -8.65
CA ARG A 228 -17.82 27.09 -7.86
C ARG A 228 -19.29 27.50 -7.92
N LYS A 229 -19.84 27.52 -9.12
CA LYS A 229 -21.22 27.93 -9.35
C LYS A 229 -22.18 27.01 -8.60
N SER A 230 -21.92 25.71 -8.67
CA SER A 230 -22.80 24.70 -8.09
C SER A 230 -22.86 24.81 -6.57
N MET A 231 -21.83 25.38 -5.98
CA MET A 231 -21.80 25.56 -4.52
C MET A 231 -22.18 26.98 -4.11
N GLY A 232 -22.77 27.72 -5.06
CA GLY A 232 -23.34 29.02 -4.76
C GLY A 232 -22.35 30.16 -4.64
N MET A 233 -21.12 29.96 -5.13
CA MET A 233 -20.15 31.05 -5.14
C MET A 233 -20.52 32.08 -6.20
N GLU A 234 -20.41 33.35 -5.85
CA GLU A 234 -20.61 34.42 -6.82
C GLU A 234 -19.36 34.57 -7.65
N SER A 235 -19.51 35.19 -8.82
CA SER A 235 -18.41 35.37 -9.76
C SER A 235 -17.18 36.04 -9.14
N HIS A 236 -17.40 36.84 -8.10
CA HIS A 236 -16.31 37.59 -7.48
C HIS A 236 -15.67 36.87 -6.30
N GLN A 237 -16.19 35.69 -5.95
CA GLN A 237 -15.67 34.96 -4.81
C GLN A 237 -14.68 33.87 -5.24
N LYS A 238 -13.69 33.64 -4.38
CA LYS A 238 -12.68 32.62 -4.63
C LYS A 238 -12.29 31.97 -3.31
N GLY A 239 -11.76 30.75 -3.35
CA GLY A 239 -11.40 30.07 -2.12
C GLY A 239 -11.16 28.59 -2.30
N VAL A 240 -11.06 27.88 -1.18
CA VAL A 240 -10.84 26.44 -1.22
C VAL A 240 -11.89 25.71 -0.39
N ARG A 241 -12.26 24.52 -0.85
CA ARG A 241 -13.31 23.74 -0.23
C ARG A 241 -12.75 22.81 0.84
N ILE A 242 -13.41 22.74 1.99
CA ILE A 242 -12.98 21.81 3.03
C ILE A 242 -13.39 20.38 2.69
N ARG A 243 -12.40 19.49 2.63
CA ARG A 243 -12.66 18.08 2.36
C ARG A 243 -13.02 17.36 3.65
N ARG A 244 -12.28 17.65 4.71
CA ARG A 244 -12.29 16.81 5.89
C ARG A 244 -11.61 17.60 7.02
N ILE A 245 -12.09 17.40 8.24
CA ILE A 245 -11.52 18.11 9.40
C ILE A 245 -11.06 17.14 10.48
N GLU A 246 -9.86 17.36 10.99
CA GLU A 246 -9.33 16.58 12.11
C GLU A 246 -10.27 16.64 13.31
N PRO A 247 -10.78 15.48 13.76
CA PRO A 247 -11.66 15.44 14.93
C PRO A 247 -11.01 16.02 16.18
N THR A 248 -9.69 15.98 16.26
CA THR A 248 -8.98 16.46 17.43
C THR A 248 -8.50 17.92 17.29
N ALA A 249 -9.08 18.64 16.34
CA ALA A 249 -8.77 20.05 16.18
C ALA A 249 -10.01 20.88 16.54
N PRO A 250 -9.80 22.02 17.22
CA PRO A 250 -10.92 22.86 17.67
C PRO A 250 -11.74 23.51 16.56
N GLU A 251 -11.24 23.51 15.32
CA GLU A 251 -12.03 24.02 14.21
C GLU A 251 -13.06 23.00 13.75
N SER A 252 -12.97 21.77 14.25
CA SER A 252 -13.96 20.75 13.94
C SER A 252 -15.27 21.07 14.61
N GLN A 253 -15.21 21.89 15.66
CA GLN A 253 -16.40 22.28 16.40
C GLN A 253 -17.17 23.40 15.71
N VAL A 254 -16.55 24.06 14.74
CA VAL A 254 -17.20 25.20 14.07
C VAL A 254 -17.18 25.17 12.54
N LEU A 255 -16.15 24.57 11.95
CA LEU A 255 -16.10 24.44 10.50
C LEU A 255 -16.76 23.13 10.06
N LYS A 256 -17.23 23.09 8.82
CA LYS A 256 -17.86 21.89 8.26
C LYS A 256 -17.26 21.48 6.92
N PRO A 257 -17.31 20.18 6.60
CA PRO A 257 -16.92 19.77 5.25
C PRO A 257 -17.78 20.48 4.21
N SER A 258 -17.17 20.80 3.06
CA SER A 258 -17.80 21.53 1.96
C SER A 258 -17.98 23.04 2.20
N ASP A 259 -17.59 23.51 3.37
CA ASP A 259 -17.41 24.94 3.58
C ASP A 259 -16.39 25.43 2.57
N ILE A 260 -16.54 26.66 2.09
CA ILE A 260 -15.51 27.25 1.26
C ILE A 260 -14.77 28.31 2.07
N ILE A 261 -13.48 28.09 2.29
CA ILE A 261 -12.70 29.07 3.05
C ILE A 261 -12.36 30.25 2.15
N LEU A 262 -12.84 31.42 2.54
CA LEU A 262 -12.67 32.63 1.74
C LEU A 262 -11.46 33.45 2.20
N SER A 263 -11.20 33.45 3.51
CA SER A 263 -10.10 34.24 4.03
C SER A 263 -9.61 33.75 5.38
N PHE A 264 -8.39 34.17 5.71
CA PHE A 264 -7.74 33.83 6.96
C PHE A 264 -7.08 35.10 7.46
N ASP A 265 -7.49 35.56 8.65
CA ASP A 265 -7.07 36.85 9.18
C ASP A 265 -7.20 37.97 8.16
N GLY A 266 -8.32 37.99 7.46
CA GLY A 266 -8.60 39.05 6.50
C GLY A 266 -7.83 38.96 5.21
N VAL A 267 -7.07 37.88 5.04
CA VAL A 267 -6.33 37.71 3.79
C VAL A 267 -7.07 36.73 2.88
N ASN A 268 -7.40 37.16 1.68
CA ASN A 268 -8.21 36.35 0.78
C ASN A 268 -7.44 35.20 0.14
N ILE A 269 -8.02 34.01 0.19
CA ILE A 269 -7.39 32.80 -0.36
C ILE A 269 -7.91 32.55 -1.77
N ALA A 270 -7.00 32.39 -2.72
CA ALA A 270 -7.36 32.14 -4.12
C ALA A 270 -7.87 30.72 -4.33
N ASN A 271 -8.44 30.45 -5.50
CA ASN A 271 -8.99 29.14 -5.82
C ASN A 271 -7.94 28.03 -5.79
N ASP A 272 -6.67 28.41 -5.87
CA ASP A 272 -5.57 27.44 -5.83
C ASP A 272 -4.91 27.37 -4.46
N GLY A 273 -5.53 28.01 -3.47
CA GLY A 273 -5.02 27.97 -2.10
C GLY A 273 -3.87 28.92 -1.81
N THR A 274 -3.60 29.85 -2.71
CA THR A 274 -2.52 30.80 -2.48
C THR A 274 -3.01 32.16 -2.02
N VAL A 275 -2.11 32.90 -1.37
CA VAL A 275 -2.39 34.25 -0.89
C VAL A 275 -1.26 35.14 -1.41
N PRO A 276 -1.49 36.46 -1.47
CA PRO A 276 -0.41 37.36 -1.87
C PRO A 276 0.77 37.28 -0.91
N PHE A 277 1.97 37.39 -1.46
CA PHE A 277 3.20 37.29 -0.67
C PHE A 277 4.18 38.33 -1.17
N ARG A 278 4.63 39.17 -0.24
CA ARG A 278 5.61 40.23 -0.51
CA ARG A 278 5.64 40.19 -0.52
C ARG A 278 5.44 40.93 -1.84
N HIS A 279 6.49 40.99 -2.63
CA HIS A 279 6.50 41.76 -3.86
C HIS A 279 6.04 41.00 -5.11
N GLY A 280 4.73 41.03 -5.36
CA GLY A 280 4.15 40.48 -6.57
C GLY A 280 4.14 38.96 -6.68
N GLU A 281 4.34 38.27 -5.56
CA GLU A 281 4.38 36.81 -5.56
C GLU A 281 3.12 36.27 -4.87
N ARG A 282 2.90 34.97 -4.98
CA ARG A 282 1.85 34.29 -4.23
C ARG A 282 2.44 33.07 -3.53
N ILE A 283 1.94 32.77 -2.34
CA ILE A 283 2.48 31.68 -1.52
C ILE A 283 1.30 30.85 -0.98
N GLY A 284 1.54 29.60 -0.59
CA GLY A 284 0.47 28.79 -0.01
C GLY A 284 -0.04 29.40 1.28
N PHE A 285 -1.35 29.31 1.53
CA PHE A 285 -1.94 29.98 2.69
C PHE A 285 -1.44 29.44 4.04
N SER A 286 -0.89 28.22 4.05
CA SER A 286 -0.37 27.65 5.29
C SER A 286 0.66 28.57 5.97
N TYR A 287 1.31 29.41 5.17
CA TYR A 287 2.32 30.34 5.68
C TYR A 287 1.74 31.34 6.67
N LEU A 288 0.47 31.68 6.49
CA LEU A 288 -0.20 32.61 7.41
C LEU A 288 -0.42 31.93 8.75
N ILE A 289 -0.62 30.62 8.71
CA ILE A 289 -0.91 29.87 9.92
C ILE A 289 0.37 29.53 10.69
N SER A 290 1.40 29.10 9.96
CA SER A 290 2.62 28.64 10.61
C SER A 290 3.41 29.80 11.23
N GLN A 291 3.15 31.03 10.80
CA GLN A 291 3.84 32.17 11.39
C GLN A 291 3.21 32.58 12.73
N LYS A 292 2.04 32.03 13.04
CA LYS A 292 1.42 32.24 14.34
C LYS A 292 1.95 31.24 15.34
N TYR A 293 1.64 31.44 16.63
CA TYR A 293 2.08 30.54 17.69
C TYR A 293 0.91 29.68 18.16
N THR A 294 1.21 28.50 18.68
CA THR A 294 0.17 27.64 19.22
C THR A 294 -0.48 28.35 20.40
N GLY A 295 -1.80 28.37 20.42
CA GLY A 295 -2.51 29.13 21.42
C GLY A 295 -3.05 30.44 20.89
N ASP A 296 -2.48 30.94 19.79
CA ASP A 296 -3.02 32.12 19.14
C ASP A 296 -4.36 31.76 18.52
N SER A 297 -5.14 32.78 18.19
CA SER A 297 -6.40 32.58 17.49
CA SER A 297 -6.40 32.56 17.49
C SER A 297 -6.35 33.22 16.11
N ALA A 298 -7.20 32.74 15.21
CA ALA A 298 -7.23 33.27 13.87
C ALA A 298 -8.67 33.40 13.42
N LEU A 299 -8.95 34.44 12.65
CA LEU A 299 -10.29 34.70 12.15
C LEU A 299 -10.46 34.03 10.79
N VAL A 300 -11.35 33.05 10.72
CA VAL A 300 -11.58 32.31 9.49
C VAL A 300 -12.96 32.62 8.92
N LYS A 301 -13.00 33.07 7.67
CA LYS A 301 -14.27 33.37 7.01
C LYS A 301 -14.60 32.28 6.01
N VAL A 302 -15.82 31.76 6.07
CA VAL A 302 -16.24 30.71 5.15
C VAL A 302 -17.57 31.02 4.46
N LEU A 303 -17.80 30.36 3.33
CA LEU A 303 -19.11 30.37 2.70
C LEU A 303 -19.78 29.04 2.98
N ARG A 304 -20.99 29.09 3.54
CA ARG A 304 -21.73 27.88 3.86
C ARG A 304 -23.19 28.06 3.47
N ASN A 305 -23.63 27.29 2.48
CA ASN A 305 -24.98 27.45 1.91
C ASN A 305 -25.27 28.90 1.53
N LYS A 306 -24.32 29.51 0.82
CA LYS A 306 -24.41 30.91 0.37
C LYS A 306 -24.39 31.94 1.51
N GLU A 307 -24.14 31.49 2.74
CA GLU A 307 -24.08 32.40 3.86
C GLU A 307 -22.63 32.60 4.30
N ILE A 308 -22.24 33.84 4.55
CA ILE A 308 -20.88 34.13 4.98
C ILE A 308 -20.78 34.12 6.50
N LEU A 309 -19.92 33.23 7.02
CA LEU A 309 -19.74 33.07 8.46
C LEU A 309 -18.29 33.29 8.87
N GLU A 310 -18.08 33.89 10.03
CA GLU A 310 -16.74 34.11 10.55
C GLU A 310 -16.58 33.43 11.91
N PHE A 311 -15.47 32.74 12.10
CA PHE A 311 -15.19 32.10 13.39
C PHE A 311 -13.79 32.44 13.85
N ASN A 312 -13.64 32.73 15.14
CA ASN A 312 -12.31 32.84 15.72
C ASN A 312 -11.86 31.49 16.27
N ILE A 313 -10.79 30.96 15.69
CA ILE A 313 -10.37 29.60 15.99
C ILE A 313 -8.99 29.55 16.62
N LYS A 314 -8.88 28.82 17.73
CA LYS A 314 -7.62 28.62 18.43
C LYS A 314 -6.75 27.65 17.63
N LEU A 315 -5.48 27.98 17.48
CA LEU A 315 -4.57 27.20 16.66
C LEU A 315 -3.75 26.23 17.49
N ALA A 316 -3.54 25.03 16.97
CA ALA A 316 -2.77 24.00 17.68
C ALA A 316 -1.84 23.24 16.72
N ILE A 317 -0.90 22.49 17.28
CA ILE A 317 -0.01 21.68 16.44
C ILE A 317 -0.80 20.53 15.83
N HIS A 318 -0.22 19.88 14.84
CA HIS A 318 -0.87 18.75 14.19
C HIS A 318 -0.43 17.43 14.83
N LYS A 319 -1.41 16.62 15.24
CA LYS A 319 -1.10 15.32 15.82
C LYS A 319 -1.51 14.19 14.89
N ARG A 320 -0.52 13.49 14.35
CA ARG A 320 -0.75 12.35 13.45
C ARG A 320 -1.06 11.09 14.26
N LEU A 321 -1.92 10.23 13.70
CA LEU A 321 -2.17 8.93 14.32
C LEU A 321 -0.86 8.13 14.34
N ILE A 322 -0.15 8.18 13.22
CA ILE A 322 1.16 7.55 13.12
C ILE A 322 2.22 8.63 13.07
N PRO A 323 2.85 8.91 14.22
CA PRO A 323 3.78 10.06 14.36
C PRO A 323 4.98 9.95 13.43
N ALA A 324 5.39 11.07 12.84
CA ALA A 324 6.54 11.08 11.95
C ALA A 324 7.82 10.99 12.77
N HIS A 325 7.72 11.31 14.05
CA HIS A 325 8.86 11.26 14.95
C HIS A 325 8.42 10.93 16.37
N ILE A 326 9.32 10.29 17.11
CA ILE A 326 9.12 10.04 18.53
C ILE A 326 10.38 10.50 19.26
N SER A 327 10.30 11.67 19.87
CA SER A 327 11.50 12.33 20.39
C SER A 327 11.51 12.38 21.91
N GLY A 328 12.71 12.35 22.48
CA GLY A 328 12.89 12.47 23.92
C GLY A 328 12.29 11.34 24.72
N LYS A 329 12.20 10.16 24.13
CA LYS A 329 11.60 9.00 24.79
C LYS A 329 11.83 7.72 23.99
N PRO A 330 12.17 6.63 24.68
CA PRO A 330 12.22 5.33 23.99
C PRO A 330 10.82 4.93 23.52
N PRO A 331 10.74 4.14 22.44
CA PRO A 331 9.44 3.65 21.97
C PRO A 331 8.79 2.75 23.01
N SER A 332 7.49 2.96 23.23
CA SER A 332 6.78 2.20 24.25
C SER A 332 6.49 0.80 23.77
N TYR A 333 6.46 -0.13 24.72
CA TYR A 333 6.11 -1.51 24.41
C TYR A 333 5.72 -2.22 25.70
N PHE A 334 4.96 -3.31 25.57
CA PHE A 334 4.79 -4.23 26.69
C PHE A 334 4.60 -5.64 26.15
N ILE A 335 4.94 -6.62 26.97
CA ILE A 335 4.95 -8.00 26.53
C ILE A 335 4.13 -8.88 27.47
N VAL A 336 3.23 -9.67 26.90
CA VAL A 336 2.52 -10.69 27.66
C VAL A 336 2.53 -12.01 26.90
N ALA A 337 3.05 -13.05 27.55
CA ALA A 337 3.11 -14.39 26.97
C ALA A 337 3.86 -14.44 25.64
N GLY A 338 4.87 -13.57 25.49
CA GLY A 338 5.68 -13.55 24.30
C GLY A 338 5.20 -12.58 23.24
N PHE A 339 3.93 -12.18 23.34
CA PHE A 339 3.38 -11.18 22.43
C PHE A 339 4.01 -9.81 22.72
N VAL A 340 4.66 -9.24 21.71
CA VAL A 340 5.25 -7.91 21.85
C VAL A 340 4.28 -6.88 21.28
N PHE A 341 3.69 -6.08 22.16
CA PHE A 341 2.78 -5.02 21.71
C PHE A 341 3.51 -3.70 21.66
N THR A 342 3.34 -2.98 20.56
CA THR A 342 3.95 -1.66 20.41
C THR A 342 3.04 -0.80 19.54
N THR A 343 3.45 0.43 19.26
CA THR A 343 2.64 1.32 18.44
C THR A 343 3.32 1.61 17.11
N VAL A 344 2.51 1.92 16.10
CA VAL A 344 3.05 2.20 14.79
C VAL A 344 3.42 3.67 14.62
N SER A 345 4.69 3.90 14.32
CA SER A 345 5.21 5.23 14.03
C SER A 345 5.99 5.13 12.72
N VAL A 346 6.31 6.26 12.12
CA VAL A 346 7.13 6.25 10.91
C VAL A 346 8.50 5.60 11.14
N PRO A 347 9.20 5.94 12.24
CA PRO A 347 10.46 5.22 12.48
C PRO A 347 10.26 3.71 12.66
N TYR A 348 9.14 3.28 13.22
CA TYR A 348 8.88 1.85 13.36
C TYR A 348 8.74 1.19 12.00
N LEU A 349 7.95 1.80 11.12
CA LEU A 349 7.75 1.28 9.76
C LEU A 349 9.06 1.23 8.98
N ARG A 350 9.90 2.26 9.15
CA ARG A 350 11.19 2.32 8.49
C ARG A 350 12.13 1.22 8.97
N SER A 351 12.02 0.91 10.26
CA SER A 351 12.83 -0.14 10.88
C SER A 351 12.39 -1.51 10.37
N GLU A 352 11.08 -1.72 10.28
CA GLU A 352 10.54 -3.02 9.90
C GLU A 352 10.63 -3.29 8.41
N TYR A 353 10.61 -2.24 7.60
CA TYR A 353 10.52 -2.40 6.15
C TYR A 353 11.51 -1.54 5.38
N GLY A 354 12.51 -1.02 6.07
CA GLY A 354 13.58 -0.26 5.44
C GLY A 354 13.17 1.10 4.92
N LYS A 355 14.03 1.70 4.10
CA LYS A 355 13.79 3.02 3.53
C LYS A 355 12.62 3.01 2.54
N GLU A 356 12.29 1.84 2.03
CA GLU A 356 11.17 1.69 1.09
C GLU A 356 9.88 1.35 1.81
N TYR A 357 9.74 1.79 3.06
CA TYR A 357 8.60 1.42 3.88
C TYR A 357 7.27 1.87 3.28
N GLU A 358 7.33 2.90 2.44
CA GLU A 358 6.13 3.46 1.81
C GLU A 358 5.55 2.52 0.74
N PHE A 359 6.30 1.49 0.38
CA PHE A 359 5.85 0.58 -0.67
C PHE A 359 5.88 -0.89 -0.24
N ASP A 360 6.61 -1.20 0.82
CA ASP A 360 6.76 -2.60 1.26
C ASP A 360 5.99 -2.95 2.53
N ALA A 361 5.56 -1.94 3.28
CA ALA A 361 4.78 -2.17 4.49
C ALA A 361 3.39 -2.69 4.13
N PRO A 362 2.76 -3.44 5.06
CA PRO A 362 1.38 -3.90 4.84
C PRO A 362 0.45 -2.77 4.45
N VAL A 363 -0.38 -3.03 3.44
CA VAL A 363 -1.29 -2.03 2.89
CA VAL A 363 -1.28 -2.01 2.90
C VAL A 363 -2.21 -1.44 3.96
N LYS A 364 -2.63 -2.30 4.90
CA LYS A 364 -3.49 -1.86 5.99
C LYS A 364 -2.81 -0.78 6.81
N LEU A 365 -1.53 -0.99 7.11
CA LEU A 365 -0.77 -0.04 7.91
C LEU A 365 -0.49 1.23 7.12
N LEU A 366 -0.09 1.06 5.86
CA LEU A 366 0.14 2.20 4.98
C LEU A 366 -1.12 3.04 4.76
N GLU A 367 -2.26 2.37 4.71
CA GLU A 367 -3.53 3.06 4.50
C GLU A 367 -3.77 4.06 5.62
N LYS A 368 -3.48 3.63 6.84
CA LYS A 368 -3.64 4.49 8.00
C LYS A 368 -2.56 5.57 8.09
N HIS A 369 -1.37 5.26 7.57
CA HIS A 369 -0.26 6.21 7.56
C HIS A 369 -0.56 7.42 6.68
N LEU A 370 -1.16 7.16 5.51
CA LEU A 370 -1.42 8.23 4.54
C LEU A 370 -2.77 8.94 4.73
N HIS A 371 -3.74 8.24 5.31
CA HIS A 371 -5.13 8.71 5.20
C HIS A 371 -5.96 8.76 6.48
N ALA A 372 -5.55 8.07 7.53
CA ALA A 372 -6.35 8.01 8.76
C ALA A 372 -6.12 9.22 9.67
N MET A 373 -7.21 9.75 10.21
CA MET A 373 -7.12 10.81 11.21
C MET A 373 -7.39 10.25 12.59
N ALA A 374 -6.65 10.74 13.58
CA ALA A 374 -6.90 10.34 14.96
C ALA A 374 -8.29 10.80 15.40
N GLN A 375 -9.05 9.88 15.99
CA GLN A 375 -10.42 10.17 16.41
C GLN A 375 -10.47 10.77 17.81
N SER A 376 -9.40 10.59 18.56
CA SER A 376 -9.28 11.18 19.88
C SER A 376 -7.83 11.55 20.12
N VAL A 377 -7.58 12.46 21.05
CA VAL A 377 -6.20 12.76 21.41
C VAL A 377 -5.65 11.51 22.08
N ASP A 378 -4.34 11.32 22.00
CA ASP A 378 -3.69 10.15 22.58
C ASP A 378 -4.15 8.81 22.00
N GLU A 379 -4.87 8.84 20.88
CA GLU A 379 -5.16 7.60 20.16
C GLU A 379 -3.88 7.10 19.50
N GLN A 380 -3.69 5.78 19.50
CA GLN A 380 -2.52 5.18 18.86
C GLN A 380 -2.90 3.93 18.09
N LEU A 381 -2.15 3.66 17.02
CA LEU A 381 -2.31 2.40 16.30
C LEU A 381 -1.46 1.34 16.99
N VAL A 382 -2.11 0.42 17.68
CA VAL A 382 -1.40 -0.63 18.42
C VAL A 382 -1.31 -1.92 17.59
N VAL A 383 -0.14 -2.52 17.54
CA VAL A 383 0.01 -3.80 16.85
C VAL A 383 0.71 -4.84 17.69
N VAL A 384 0.47 -6.11 17.37
CA VAL A 384 1.39 -7.15 17.77
C VAL A 384 2.56 -6.99 16.82
N SER A 385 3.72 -6.65 17.35
CA SER A 385 4.91 -6.51 16.53
C SER A 385 5.34 -7.90 16.06
N GLN A 386 5.53 -8.78 17.04
CA GLN A 386 5.97 -10.14 16.76
C GLN A 386 5.58 -10.99 17.94
N VAL A 387 5.74 -12.30 17.77
CA VAL A 387 5.46 -13.25 18.84
C VAL A 387 6.75 -13.97 19.21
N LEU A 388 7.21 -13.74 20.42
CA LEU A 388 8.37 -14.45 20.93
C LEU A 388 7.93 -15.88 21.22
N VAL A 389 8.31 -16.78 20.33
CA VAL A 389 7.75 -18.12 20.28
C VAL A 389 8.03 -18.97 21.52
N SER A 390 6.95 -19.43 22.14
CA SER A 390 7.02 -20.37 23.27
C SER A 390 5.82 -21.30 23.18
N ASP A 391 5.74 -22.23 24.13
CA ASP A 391 4.64 -23.19 24.13
C ASP A 391 3.30 -22.52 24.43
N ILE A 392 3.35 -21.47 25.24
CA ILE A 392 2.15 -20.72 25.64
C ILE A 392 1.42 -20.10 24.44
N ASN A 393 2.16 -19.73 23.41
CA ASN A 393 1.56 -19.06 22.25
C ASN A 393 1.50 -19.92 21.00
N ILE A 394 1.30 -21.22 21.18
CA ILE A 394 1.19 -22.16 20.06
C ILE A 394 0.06 -21.77 19.10
N GLY A 395 0.38 -21.78 17.80
CA GLY A 395 -0.60 -21.46 16.77
C GLY A 395 -0.67 -19.99 16.40
N TYR A 396 -0.02 -19.16 17.19
CA TYR A 396 -0.04 -17.71 16.97
C TYR A 396 1.30 -17.18 16.49
N GLU A 397 2.24 -18.08 16.22
CA GLU A 397 3.65 -17.70 15.99
C GLU A 397 3.90 -16.82 14.77
N GLU A 398 3.02 -16.88 13.79
CA GLU A 398 3.26 -16.17 12.53
C GLU A 398 2.66 -14.77 12.49
N ILE A 399 2.07 -14.34 13.60
CA ILE A 399 1.47 -13.01 13.66
C ILE A 399 2.52 -11.92 13.71
N VAL A 400 2.48 -11.02 12.72
CA VAL A 400 3.40 -9.89 12.67
C VAL A 400 2.67 -8.61 12.25
N ASN A 401 3.00 -7.50 12.91
CA ASN A 401 2.46 -6.18 12.58
C ASN A 401 0.97 -6.14 12.23
N THR A 402 0.16 -6.73 13.10
CA THR A 402 -1.27 -6.77 12.89
C THR A 402 -1.94 -5.95 13.99
N GLN A 403 -2.85 -5.07 13.59
CA GLN A 403 -3.48 -4.14 14.52
C GLN A 403 -4.35 -4.87 15.53
N VAL A 404 -4.30 -4.43 16.78
CA VAL A 404 -5.18 -4.92 17.82
C VAL A 404 -6.32 -3.92 17.94
N VAL A 405 -7.55 -4.39 17.71
CA VAL A 405 -8.69 -3.47 17.69
C VAL A 405 -9.52 -3.50 18.97
N ALA A 406 -9.55 -4.65 19.64
CA ALA A 406 -10.30 -4.77 20.88
C ALA A 406 -9.71 -5.81 21.82
N PHE A 407 -9.96 -5.62 23.11
CA PHE A 407 -9.58 -6.58 24.14
C PHE A 407 -10.78 -6.92 25.01
N ASN A 408 -11.15 -8.21 25.02
CA ASN A 408 -12.35 -8.67 25.73
C ASN A 408 -13.56 -7.79 25.49
N GLY A 409 -13.82 -7.49 24.21
CA GLY A 409 -14.99 -6.72 23.83
C GLY A 409 -14.83 -5.23 23.85
N LYS A 410 -13.80 -4.74 24.53
CA LYS A 410 -13.58 -3.30 24.65
C LYS A 410 -12.61 -2.80 23.59
N PRO A 411 -12.95 -1.68 22.94
CA PRO A 411 -12.07 -1.10 21.92
C PRO A 411 -10.73 -0.67 22.50
N VAL A 412 -9.66 -0.86 21.73
CA VAL A 412 -8.33 -0.43 22.14
C VAL A 412 -8.03 0.94 21.58
N LYS A 413 -7.78 1.90 22.45
CA LYS A 413 -7.53 3.27 22.02
C LYS A 413 -6.04 3.58 21.88
N ASN A 414 -5.24 3.05 22.79
CA ASN A 414 -3.79 3.23 22.73
C ASN A 414 -3.06 2.16 23.53
N LEU A 415 -1.74 2.23 23.57
CA LEU A 415 -0.94 1.20 24.20
C LEU A 415 -1.13 1.14 25.71
N LYS A 416 -1.18 2.31 26.34
CA LYS A 416 -1.40 2.37 27.78
C LYS A 416 -2.75 1.78 28.14
N GLY A 417 -3.76 2.10 27.35
CA GLY A 417 -5.08 1.54 27.54
C GLY A 417 -5.11 0.03 27.48
N LEU A 418 -4.41 -0.54 26.50
CA LEU A 418 -4.33 -1.99 26.35
C LEU A 418 -3.55 -2.63 27.49
N ALA A 419 -2.44 -2.02 27.86
CA ALA A 419 -1.59 -2.51 28.93
C ALA A 419 -2.35 -2.58 30.26
N GLY A 420 -3.19 -1.59 30.50
CA GLY A 420 -4.00 -1.57 31.70
C GLY A 420 -5.06 -2.67 31.68
N MET A 421 -5.64 -2.90 30.50
CA MET A 421 -6.68 -3.91 30.36
C MET A 421 -6.19 -5.33 30.57
N VAL A 422 -4.98 -5.64 30.09
CA VAL A 422 -4.41 -6.97 30.35
C VAL A 422 -4.00 -7.08 31.82
N GLU A 423 -3.61 -5.96 32.41
CA GLU A 423 -3.22 -5.91 33.81
C GLU A 423 -4.40 -6.22 34.72
N ASN A 424 -5.51 -5.53 34.50
CA ASN A 424 -6.69 -5.65 35.36
C ASN A 424 -7.66 -6.74 34.90
N CYS A 425 -7.24 -7.53 33.92
CA CYS A 425 -8.08 -8.61 33.42
C CYS A 425 -8.20 -9.73 34.44
N GLU A 426 -9.43 -10.03 34.85
CA GLU A 426 -9.67 -11.11 35.79
C GLU A 426 -10.49 -12.24 35.18
N ASP A 427 -10.88 -12.07 33.92
CA ASP A 427 -11.62 -13.10 33.20
C ASP A 427 -10.70 -14.31 33.00
N GLU A 428 -11.30 -15.47 32.70
CA GLU A 428 -10.51 -16.67 32.48
C GLU A 428 -9.68 -16.54 31.21
N TYR A 429 -10.20 -15.79 30.24
CA TYR A 429 -9.51 -15.64 28.97
C TYR A 429 -9.25 -14.19 28.60
N MET A 430 -8.13 -13.97 27.93
CA MET A 430 -7.84 -12.70 27.28
C MET A 430 -8.12 -12.88 25.80
N LYS A 431 -9.08 -12.12 25.28
CA LYS A 431 -9.48 -12.25 23.89
C LYS A 431 -9.09 -11.00 23.12
N PHE A 432 -8.10 -11.14 22.24
CA PHE A 432 -7.65 -10.01 21.43
C PHE A 432 -8.29 -10.12 20.04
N ASN A 433 -9.08 -9.12 19.68
CA ASN A 433 -9.55 -9.01 18.30
C ASN A 433 -8.49 -8.32 17.47
N LEU A 434 -8.01 -8.99 16.42
CA LEU A 434 -6.98 -8.45 15.56
C LEU A 434 -7.53 -8.09 14.19
N ASP A 435 -6.74 -7.38 13.40
CA ASP A 435 -7.10 -7.03 12.05
C ASP A 435 -7.24 -8.30 11.21
N TYR A 436 -7.89 -8.17 10.05
CA TYR A 436 -8.18 -9.30 9.16
C TYR A 436 -9.13 -10.30 9.82
N ASP A 437 -9.95 -9.80 10.75
CA ASP A 437 -10.97 -10.60 11.42
C ASP A 437 -10.41 -11.85 12.11
N GLN A 438 -9.28 -11.67 12.78
CA GLN A 438 -8.68 -12.76 13.53
C GLN A 438 -8.90 -12.55 15.01
N ILE A 439 -8.85 -13.64 15.77
CA ILE A 439 -8.96 -13.57 17.21
C ILE A 439 -7.82 -14.34 17.86
N VAL A 440 -7.18 -13.73 18.84
CA VAL A 440 -6.16 -14.40 19.63
C VAL A 440 -6.70 -14.58 21.05
N VAL A 441 -6.70 -15.82 21.53
CA VAL A 441 -7.21 -16.13 22.86
C VAL A 441 -6.16 -16.85 23.68
N LEU A 442 -5.96 -16.38 24.91
CA LEU A 442 -5.02 -17.01 25.83
C LEU A 442 -5.69 -17.20 27.19
N ASP A 443 -5.33 -18.28 27.88
CA ASP A 443 -5.74 -18.44 29.27
C ASP A 443 -5.03 -17.37 30.10
N THR A 444 -5.81 -16.52 30.76
CA THR A 444 -5.27 -15.34 31.44
C THR A 444 -4.18 -15.68 32.46
N LYS A 445 -4.42 -16.73 33.27
CA LYS A 445 -3.49 -17.10 34.32
C LYS A 445 -2.15 -17.61 33.80
N THR A 446 -2.18 -18.59 32.91
CA THR A 446 -0.95 -19.19 32.38
C THR A 446 -0.22 -18.27 31.41
N ALA A 447 -0.93 -17.29 30.86
CA ALA A 447 -0.35 -16.33 29.95
C ALA A 447 0.68 -15.47 30.68
N LYS A 448 0.27 -14.92 31.82
CA LYS A 448 1.13 -14.04 32.60
C LYS A 448 2.32 -14.78 33.21
N GLU A 449 2.09 -16.01 33.63
CA GLU A 449 3.14 -16.82 34.23
C GLU A 449 4.27 -17.10 33.24
N ALA A 450 3.93 -17.16 31.95
CA ALA A 450 4.89 -17.58 30.93
C ALA A 450 5.85 -16.49 30.48
N THR A 451 5.58 -15.24 30.88
CA THR A 451 6.33 -14.11 30.35
C THR A 451 7.82 -14.11 30.72
N LEU A 452 8.12 -14.33 32.00
CA LEU A 452 9.47 -14.19 32.52
C LEU A 452 10.54 -15.03 31.82
N ASP A 453 10.23 -16.29 31.54
CA ASP A 453 11.18 -17.18 30.88
C ASP A 453 11.49 -16.73 29.46
N ILE A 454 10.47 -16.25 28.77
CA ILE A 454 10.60 -15.78 27.40
C ILE A 454 11.54 -14.57 27.32
N LEU A 455 11.42 -13.68 28.30
CA LEU A 455 12.29 -12.51 28.38
C LEU A 455 13.75 -12.92 28.55
N THR A 456 13.97 -13.94 29.38
CA THR A 456 15.31 -14.43 29.64
C THR A 456 15.95 -15.00 28.37
N THR A 457 15.18 -15.78 27.64
CA THR A 457 15.65 -16.39 26.39
C THR A 457 16.16 -15.33 25.41
N HIS A 458 15.42 -14.23 25.29
CA HIS A 458 15.76 -13.19 24.33
C HIS A 458 16.55 -12.05 24.95
N CYS A 459 17.04 -12.27 26.17
CA CYS A 459 17.85 -11.29 26.88
C CYS A 459 17.14 -9.94 27.00
N ILE A 460 15.84 -9.99 27.26
CA ILE A 460 15.04 -8.79 27.42
C ILE A 460 14.91 -8.44 28.90
N PRO A 461 15.55 -7.33 29.31
CA PRO A 461 15.64 -6.94 30.73
C PRO A 461 14.29 -6.59 31.37
N SER A 462 13.29 -6.22 30.57
CA SER A 462 11.99 -5.85 31.14
C SER A 462 10.81 -6.15 30.23
N ALA A 463 9.67 -6.45 30.85
CA ALA A 463 8.46 -6.82 30.13
C ALA A 463 7.77 -5.63 29.47
N MET A 464 8.18 -4.41 29.86
CA MET A 464 7.55 -3.21 29.33
C MET A 464 8.44 -1.97 29.47
N SER A 465 8.15 -0.95 28.68
CA SER A 465 8.82 0.34 28.80
C SER A 465 8.40 1.01 30.12
N ASP A 466 9.24 1.89 30.64
CA ASP A 466 9.02 2.50 31.95
C ASP A 466 7.73 3.31 32.04
N ASP A 467 7.33 3.91 30.92
CA ASP A 467 6.11 4.73 30.88
C ASP A 467 4.84 3.89 31.09
N LEU A 468 4.98 2.57 31.08
CA LEU A 468 3.87 1.67 31.36
C LEU A 468 4.03 1.03 32.74
N LYS A 469 5.11 1.37 33.43
CA LYS A 469 5.34 0.87 34.78
C LYS A 469 4.71 1.80 35.82
N PHE B 6 2.15 -41.28 -27.70
CA PHE B 6 3.36 -41.15 -28.52
C PHE B 6 3.53 -39.73 -29.08
N LEU B 7 4.65 -39.51 -29.77
CA LEU B 7 5.07 -38.18 -30.20
C LEU B 7 4.14 -37.48 -31.19
N ASN B 8 3.57 -38.23 -32.13
CA ASN B 8 2.84 -37.59 -33.22
C ASN B 8 1.50 -36.96 -32.81
N ALA B 9 1.04 -37.28 -31.60
CA ALA B 9 -0.16 -36.65 -31.06
C ALA B 9 0.13 -35.30 -30.41
N VAL B 10 1.41 -34.94 -30.31
CA VAL B 10 1.78 -33.69 -29.67
C VAL B 10 2.20 -32.68 -30.72
N VAL B 11 1.50 -31.56 -30.76
CA VAL B 11 1.70 -30.57 -31.84
C VAL B 11 2.19 -29.24 -31.30
N LYS B 12 2.83 -28.47 -32.18
CA LYS B 12 3.37 -27.17 -31.79
C LYS B 12 2.31 -26.10 -32.03
N VAL B 13 2.18 -25.18 -31.08
CA VAL B 13 1.21 -24.09 -31.20
C VAL B 13 1.95 -22.79 -31.53
N TYR B 14 1.43 -22.07 -32.52
CA TYR B 14 1.94 -20.74 -32.85
C TYR B 14 0.78 -19.76 -32.65
N CYS B 15 0.97 -18.77 -31.78
CA CYS B 15 -0.11 -17.82 -31.51
C CYS B 15 0.34 -16.37 -31.64
N THR B 16 -0.45 -15.60 -32.37
CA THR B 16 -0.32 -14.15 -32.41
C THR B 16 -1.35 -13.57 -31.46
N HIS B 17 -0.89 -12.79 -30.50
CA HIS B 17 -1.78 -12.20 -29.51
C HIS B 17 -1.93 -10.72 -29.81
N THR B 18 -3.13 -10.19 -29.59
CA THR B 18 -3.30 -8.74 -29.60
C THR B 18 -4.12 -8.37 -28.37
N ALA B 19 -3.42 -7.96 -27.33
CA ALA B 19 -4.05 -7.65 -26.05
C ALA B 19 -4.64 -6.25 -26.06
N PRO B 20 -5.74 -6.06 -25.33
CA PRO B 20 -6.28 -4.71 -25.19
C PRO B 20 -5.31 -3.86 -24.38
N ASP B 21 -5.30 -2.55 -24.62
CA ASP B 21 -4.52 -1.67 -23.77
C ASP B 21 -5.46 -1.27 -22.63
N TYR B 22 -5.24 -1.82 -21.44
CA TYR B 22 -6.12 -1.54 -20.32
C TYR B 22 -6.04 -0.08 -19.91
N SER B 23 -4.84 0.49 -20.06
CA SER B 23 -4.60 1.90 -19.74
C SER B 23 -5.24 2.83 -20.76
N LEU B 24 -5.48 2.30 -21.96
CA LEU B 24 -6.14 3.05 -23.03
C LEU B 24 -7.16 2.11 -23.70
N PRO B 25 -8.26 1.81 -23.00
CA PRO B 25 -9.19 0.71 -23.29
C PRO B 25 -9.90 0.75 -24.65
N TRP B 26 -9.76 1.85 -25.37
CA TRP B 26 -10.41 1.98 -26.67
C TRP B 26 -9.59 1.31 -27.79
N GLN B 27 -8.35 0.99 -27.48
CA GLN B 27 -7.44 0.46 -28.50
C GLN B 27 -6.69 -0.79 -28.03
N LYS B 28 -5.95 -1.38 -28.95
CA LYS B 28 -5.20 -2.60 -28.67
C LYS B 28 -3.71 -2.30 -28.54
N GLN B 29 -3.00 -3.20 -27.87
CA GLN B 29 -1.54 -3.11 -27.81
C GLN B 29 -0.95 -3.70 -29.08
N ARG B 30 0.37 -3.63 -29.22
CA ARG B 30 1.03 -4.17 -30.39
C ARG B 30 0.93 -5.69 -30.42
N GLN B 31 0.75 -6.25 -31.61
CA GLN B 31 0.83 -7.69 -31.84
C GLN B 31 2.11 -8.27 -31.25
N PHE B 32 2.01 -9.46 -30.66
CA PHE B 32 3.22 -10.22 -30.35
C PHE B 32 2.95 -11.70 -30.53
N THR B 33 4.01 -12.47 -30.78
CA THR B 33 3.86 -13.88 -31.05
C THR B 33 4.46 -14.72 -29.94
N SER B 34 3.89 -15.91 -29.75
CA SER B 34 4.47 -16.89 -28.83
C SER B 34 4.30 -18.27 -29.42
N THR B 35 5.03 -19.24 -28.89
CA THR B 35 4.80 -20.62 -29.27
C THR B 35 4.54 -21.46 -28.02
N GLY B 36 3.81 -22.55 -28.21
CA GLY B 36 3.55 -23.47 -27.13
C GLY B 36 3.36 -24.87 -27.68
N SER B 37 2.62 -25.68 -26.94
CA SER B 37 2.38 -27.07 -27.29
C SER B 37 0.90 -27.38 -27.08
N ALA B 38 0.44 -28.43 -27.73
CA ALA B 38 -0.93 -28.92 -27.57
C ALA B 38 -0.96 -30.41 -27.89
N PHE B 39 -2.03 -31.10 -27.51
CA PHE B 39 -2.10 -32.53 -27.83
C PHE B 39 -3.50 -33.04 -28.16
N MET B 40 -3.55 -34.07 -28.98
CA MET B 40 -4.81 -34.66 -29.42
C MET B 40 -5.46 -35.46 -28.30
N ILE B 41 -6.68 -35.08 -27.93
CA ILE B 41 -7.40 -35.81 -26.89
C ILE B 41 -8.63 -36.53 -27.45
N GLY B 42 -8.81 -36.45 -28.76
CA GLY B 42 -9.88 -37.18 -29.42
C GLY B 42 -11.01 -36.31 -29.93
N ASP B 43 -11.74 -36.84 -30.90
CA ASP B 43 -12.92 -36.19 -31.46
C ASP B 43 -12.60 -34.81 -32.03
N GLY B 44 -11.49 -34.71 -32.75
CA GLY B 44 -11.10 -33.46 -33.40
C GLY B 44 -10.75 -32.33 -32.46
N LYS B 45 -10.33 -32.67 -31.24
CA LYS B 45 -9.97 -31.66 -30.25
C LYS B 45 -8.51 -31.71 -29.82
N LEU B 46 -7.91 -30.54 -29.66
CA LEU B 46 -6.57 -30.40 -29.10
C LEU B 46 -6.70 -29.70 -27.76
N LEU B 47 -5.92 -30.16 -26.77
CA LEU B 47 -5.87 -29.48 -25.49
C LEU B 47 -4.56 -28.72 -25.35
N THR B 48 -4.64 -27.53 -24.78
CA THR B 48 -3.46 -26.68 -24.56
C THR B 48 -3.74 -25.86 -23.31
N ASN B 49 -2.83 -24.96 -22.94
CA ASN B 49 -3.10 -24.05 -21.83
C ASN B 49 -3.84 -22.84 -22.36
N ALA B 50 -4.69 -22.26 -21.51
CA ALA B 50 -5.37 -21.02 -21.88
C ALA B 50 -4.34 -19.92 -22.11
N HIS B 51 -3.24 -19.93 -21.36
CA HIS B 51 -2.26 -18.87 -21.52
C HIS B 51 -1.51 -18.94 -22.86
N CYS B 52 -1.54 -20.09 -23.52
CA CYS B 52 -0.95 -20.19 -24.85
C CYS B 52 -1.70 -19.39 -25.92
N VAL B 53 -2.98 -19.11 -25.67
CA VAL B 53 -3.85 -18.53 -26.69
C VAL B 53 -4.66 -17.32 -26.20
N GLU B 54 -4.22 -16.72 -25.11
CA GLU B 54 -4.91 -15.55 -24.57
C GLU B 54 -4.86 -14.39 -25.57
N HIS B 55 -6.00 -13.72 -25.74
CA HIS B 55 -6.12 -12.59 -26.67
C HIS B 55 -5.69 -12.95 -28.10
N ASP B 56 -6.01 -14.16 -28.52
CA ASP B 56 -5.55 -14.66 -29.82
C ASP B 56 -6.16 -13.89 -30.98
N THR B 57 -5.32 -13.48 -31.92
CA THR B 57 -5.81 -12.99 -33.20
C THR B 57 -5.54 -13.99 -34.31
N GLN B 58 -4.62 -14.92 -34.03
CA GLN B 58 -4.44 -16.08 -34.89
C GLN B 58 -3.80 -17.23 -34.12
N VAL B 59 -4.26 -18.45 -34.37
CA VAL B 59 -3.62 -19.64 -33.83
C VAL B 59 -3.34 -20.61 -34.96
N LYS B 60 -2.10 -21.11 -35.04
CA LYS B 60 -1.76 -22.15 -35.98
C LYS B 60 -1.15 -23.34 -35.23
N VAL B 61 -1.24 -24.52 -35.84
CA VAL B 61 -0.63 -25.72 -35.29
C VAL B 61 0.16 -26.48 -36.34
N LYS B 62 1.20 -27.17 -35.90
CA LYS B 62 2.02 -27.96 -36.80
C LYS B 62 2.20 -29.34 -36.20
N ARG B 63 1.88 -30.37 -36.98
CA ARG B 63 2.13 -31.72 -36.50
C ARG B 63 3.51 -32.19 -36.95
N ARG B 64 4.06 -33.13 -36.21
CA ARG B 64 5.41 -33.61 -36.46
C ARG B 64 5.49 -34.25 -37.85
N GLY B 65 6.52 -33.91 -38.61
CA GLY B 65 6.75 -34.50 -39.92
C GLY B 65 5.91 -33.93 -41.05
N ASP B 66 5.08 -32.94 -40.74
CA ASP B 66 4.31 -32.24 -41.75
C ASP B 66 4.76 -30.78 -41.72
N ASP B 67 5.17 -30.25 -42.86
CA ASP B 67 5.75 -28.90 -42.88
C ASP B 67 4.72 -27.77 -42.72
N ARG B 68 3.46 -28.07 -43.03
CA ARG B 68 2.40 -27.06 -43.00
C ARG B 68 2.01 -26.63 -41.60
N LYS B 69 1.70 -25.34 -41.45
CA LYS B 69 1.13 -24.82 -40.22
C LYS B 69 -0.34 -24.52 -40.46
N TYR B 70 -1.21 -25.29 -39.81
CA TYR B 70 -2.65 -25.24 -40.05
C TYR B 70 -3.35 -24.28 -39.11
N VAL B 71 -4.33 -23.54 -39.63
CA VAL B 71 -5.09 -22.62 -38.78
C VAL B 71 -5.96 -23.38 -37.78
N ALA B 72 -5.95 -22.94 -36.53
CA ALA B 72 -6.77 -23.53 -35.50
C ALA B 72 -7.70 -22.48 -34.93
N LYS B 73 -8.78 -22.93 -34.30
CA LYS B 73 -9.68 -22.03 -33.58
C LYS B 73 -9.84 -22.49 -32.14
N VAL B 74 -10.04 -21.54 -31.24
CA VAL B 74 -10.26 -21.84 -29.84
C VAL B 74 -11.72 -22.14 -29.59
N LEU B 75 -12.02 -23.37 -29.20
CA LEU B 75 -13.40 -23.81 -28.98
C LEU B 75 -13.95 -23.28 -27.67
N VAL B 76 -13.12 -23.33 -26.64
CA VAL B 76 -13.54 -22.98 -25.30
C VAL B 76 -12.30 -22.83 -24.44
N ARG B 77 -12.37 -21.96 -23.44
CA ARG B 77 -11.25 -21.80 -22.53
C ARG B 77 -11.72 -21.64 -21.08
N GLY B 78 -10.93 -22.19 -20.17
CA GLY B 78 -11.14 -22.00 -18.75
C GLY B 78 -9.95 -21.24 -18.19
N VAL B 79 -10.14 -19.96 -17.94
CA VAL B 79 -9.02 -19.07 -17.61
C VAL B 79 -8.38 -19.41 -16.27
N ASP B 80 -9.21 -19.72 -15.28
CA ASP B 80 -8.68 -19.96 -13.94
C ASP B 80 -8.01 -21.32 -13.77
N CYS B 81 -8.43 -22.31 -14.55
CA CYS B 81 -7.75 -23.61 -14.54
C CYS B 81 -6.72 -23.73 -15.66
N ASP B 82 -6.57 -22.65 -16.42
CA ASP B 82 -5.56 -22.54 -17.49
C ASP B 82 -5.65 -23.65 -18.54
N ILE B 83 -6.86 -23.96 -18.98
CA ILE B 83 -7.07 -24.97 -20.03
C ILE B 83 -7.80 -24.34 -21.21
N ALA B 84 -7.41 -24.72 -22.42
CA ALA B 84 -8.17 -24.34 -23.60
C ALA B 84 -8.26 -25.52 -24.55
N LEU B 85 -9.34 -25.56 -25.35
CA LEU B 85 -9.49 -26.58 -26.38
C LEU B 85 -9.48 -25.94 -27.77
N LEU B 86 -8.80 -26.59 -28.70
CA LEU B 86 -8.70 -26.10 -30.07
C LEU B 86 -9.36 -27.05 -31.06
N SER B 87 -9.88 -26.50 -32.15
CA SER B 87 -10.35 -27.29 -33.28
C SER B 87 -9.48 -26.97 -34.49
N VAL B 88 -9.39 -27.90 -35.44
CA VAL B 88 -8.61 -27.71 -36.64
C VAL B 88 -9.40 -28.20 -37.86
N GLU B 89 -9.73 -27.29 -38.76
CA GLU B 89 -10.65 -27.60 -39.86
C GLU B 89 -10.06 -28.55 -40.91
N SER B 90 -8.79 -28.36 -41.25
CA SER B 90 -8.16 -29.15 -42.32
C SER B 90 -8.07 -30.64 -42.03
N GLU B 91 -8.58 -31.46 -42.94
CA GLU B 91 -8.54 -32.90 -42.80
C GLU B 91 -7.11 -33.43 -42.94
N ASP B 92 -6.28 -32.71 -43.69
CA ASP B 92 -4.88 -33.08 -43.86
C ASP B 92 -4.12 -33.10 -42.54
N PHE B 93 -4.46 -32.18 -41.65
CA PHE B 93 -3.81 -32.11 -40.35
C PHE B 93 -4.06 -33.39 -39.53
N TRP B 94 -5.25 -33.96 -39.71
CA TRP B 94 -5.68 -35.09 -38.87
C TRP B 94 -5.30 -36.45 -39.45
N LYS B 95 -4.53 -36.45 -40.53
CA LYS B 95 -4.20 -37.69 -41.23
C LYS B 95 -3.52 -38.73 -40.33
N GLY B 96 -4.16 -39.88 -40.19
CA GLY B 96 -3.65 -41.00 -39.41
C GLY B 96 -3.45 -40.67 -37.94
N ALA B 97 -4.21 -39.69 -37.45
CA ALA B 97 -4.07 -39.23 -36.07
C ALA B 97 -4.45 -40.31 -35.07
N GLU B 98 -3.74 -40.33 -33.94
CA GLU B 98 -4.05 -41.22 -32.83
C GLU B 98 -4.04 -40.44 -31.52
N PRO B 99 -5.22 -40.10 -31.01
CA PRO B 99 -5.30 -39.28 -29.79
C PRO B 99 -4.77 -40.00 -28.56
N LEU B 100 -4.41 -39.21 -27.53
CA LEU B 100 -3.90 -39.75 -26.28
C LEU B 100 -5.02 -40.08 -25.32
N ARG B 101 -4.76 -41.00 -24.41
CA ARG B 101 -5.70 -41.36 -23.37
C ARG B 101 -5.25 -40.73 -22.06
N LEU B 102 -6.18 -40.31 -21.23
CA LEU B 102 -5.84 -39.75 -19.94
C LEU B 102 -5.71 -40.88 -18.91
N GLY B 103 -4.72 -40.77 -18.04
CA GLY B 103 -4.48 -41.77 -17.02
C GLY B 103 -4.93 -41.26 -15.66
N HIS B 104 -4.85 -42.14 -14.66
CA HIS B 104 -5.25 -41.76 -13.31
C HIS B 104 -4.18 -40.91 -12.63
N LEU B 105 -4.56 -40.24 -11.56
CA LEU B 105 -3.62 -39.48 -10.74
C LEU B 105 -2.46 -40.40 -10.34
N PRO B 106 -1.22 -39.96 -10.58
CA PRO B 106 -0.07 -40.81 -10.27
C PRO B 106 0.29 -40.78 -8.80
N ARG B 107 1.31 -41.54 -8.42
CA ARG B 107 1.81 -41.50 -7.05
C ARG B 107 3.22 -40.92 -7.03
N LEU B 108 3.63 -40.44 -5.86
CA LEU B 108 4.98 -39.89 -5.72
C LEU B 108 5.98 -40.93 -6.17
N GLN B 109 7.03 -40.43 -6.85
CA GLN B 109 8.12 -41.19 -7.44
CA GLN B 109 8.11 -41.26 -7.39
C GLN B 109 7.80 -41.93 -8.73
N ASP B 110 6.54 -41.89 -9.17
CA ASP B 110 6.22 -42.47 -10.48
C ASP B 110 7.04 -41.76 -11.57
N SER B 111 7.57 -42.54 -12.50
CA SER B 111 8.30 -41.98 -13.64
C SER B 111 7.35 -41.15 -14.51
N VAL B 112 7.86 -40.02 -15.00
CA VAL B 112 7.07 -39.14 -15.86
C VAL B 112 7.93 -38.56 -16.98
N THR B 113 7.32 -38.44 -18.16
CA THR B 113 7.99 -37.81 -19.29
C THR B 113 7.16 -36.63 -19.77
N VAL B 114 7.83 -35.53 -20.10
CA VAL B 114 7.18 -34.33 -20.59
C VAL B 114 7.50 -34.18 -22.06
N VAL B 115 6.47 -33.98 -22.89
CA VAL B 115 6.68 -33.88 -24.33
C VAL B 115 6.11 -32.57 -24.85
N GLY B 116 6.91 -31.82 -25.60
CA GLY B 116 6.43 -30.56 -26.14
C GLY B 116 7.47 -29.84 -26.98
N TYR B 117 7.30 -28.53 -27.10
CA TYR B 117 8.14 -27.74 -28.00
C TYR B 117 8.84 -26.55 -27.34
N PRO B 118 9.74 -26.84 -26.39
CA PRO B 118 10.43 -25.77 -25.65
C PRO B 118 11.51 -25.06 -26.47
N LEU B 119 11.99 -23.96 -25.91
CA LEU B 119 13.19 -23.28 -26.37
C LEU B 119 14.36 -24.24 -26.55
N GLY B 120 15.33 -23.83 -27.35
CA GLY B 120 16.53 -24.62 -27.54
C GLY B 120 16.53 -25.39 -28.86
N GLY B 121 15.47 -25.22 -29.63
CA GLY B 121 15.30 -25.92 -30.89
C GLY B 121 13.88 -25.77 -31.42
N ASP B 122 13.64 -26.23 -32.64
CA ASP B 122 12.33 -26.05 -33.26
C ASP B 122 11.46 -27.30 -33.21
N THR B 123 12.10 -28.47 -33.11
CA THR B 123 11.37 -29.73 -33.17
C THR B 123 10.96 -30.20 -31.77
N ILE B 124 10.30 -31.36 -31.71
CA ILE B 124 9.75 -31.87 -30.46
C ILE B 124 10.86 -32.26 -29.47
N SER B 125 10.59 -32.11 -28.18
CA SER B 125 11.56 -32.44 -27.15
C SER B 125 10.94 -33.25 -26.02
N VAL B 126 11.68 -34.25 -25.55
CA VAL B 126 11.23 -35.09 -24.43
CA VAL B 126 11.22 -35.05 -24.42
C VAL B 126 12.16 -34.91 -23.23
N THR B 127 11.58 -34.74 -22.04
CA THR B 127 12.35 -34.73 -20.82
C THR B 127 11.78 -35.76 -19.85
N LYS B 128 12.60 -36.24 -18.93
CA LYS B 128 12.14 -37.33 -18.07
C LYS B 128 12.51 -37.09 -16.61
N GLY B 129 11.64 -37.51 -15.71
CA GLY B 129 11.88 -37.37 -14.29
C GLY B 129 10.88 -38.20 -13.51
N VAL B 130 10.54 -37.73 -12.32
CA VAL B 130 9.53 -38.40 -11.50
C VAL B 130 8.50 -37.42 -10.98
N VAL B 131 7.38 -37.96 -10.53
CA VAL B 131 6.40 -37.19 -9.81
C VAL B 131 6.96 -36.87 -8.42
N SER B 132 7.07 -35.59 -8.11
CA SER B 132 7.71 -35.15 -6.86
C SER B 132 6.72 -34.95 -5.71
N ARG B 133 5.59 -34.32 -6.01
CA ARG B 133 4.71 -33.84 -4.95
C ARG B 133 3.33 -33.51 -5.49
N ILE B 134 2.30 -33.81 -4.71
CA ILE B 134 0.92 -33.59 -5.13
C ILE B 134 0.15 -32.87 -4.05
N GLU B 135 -0.35 -31.67 -4.36
CA GLU B 135 -1.10 -30.88 -3.39
C GLU B 135 -1.81 -29.72 -4.08
N VAL B 136 -2.64 -29.00 -3.33
CA VAL B 136 -3.32 -27.84 -3.88
C VAL B 136 -2.26 -26.80 -4.22
N THR B 137 -2.38 -26.23 -5.41
CA THR B 137 -1.32 -25.41 -5.98
C THR B 137 -1.90 -24.14 -6.57
N SER B 138 -1.18 -23.03 -6.46
CA SER B 138 -1.63 -21.78 -7.05
CA SER B 138 -1.63 -21.78 -7.05
C SER B 138 -1.38 -21.78 -8.55
N TYR B 139 -2.45 -21.69 -9.34
CA TYR B 139 -2.29 -21.60 -10.78
C TYR B 139 -1.97 -20.15 -11.11
N ALA B 140 -0.71 -19.88 -11.45
CA ALA B 140 -0.20 -18.51 -11.59
C ALA B 140 -1.01 -17.65 -12.58
N HIS B 141 -1.16 -18.13 -13.80
CA HIS B 141 -1.87 -17.34 -14.81
C HIS B 141 -3.35 -17.21 -14.49
N GLY B 142 -3.94 -18.28 -13.96
CA GLY B 142 -5.35 -18.30 -13.63
C GLY B 142 -5.72 -17.69 -12.30
N SER B 143 -4.74 -17.63 -11.38
CA SER B 143 -4.97 -17.14 -10.02
C SER B 143 -6.08 -17.87 -9.27
N SER B 144 -6.03 -19.20 -9.25
CA SER B 144 -6.91 -19.97 -8.40
C SER B 144 -6.12 -21.12 -7.77
N ASP B 145 -6.70 -21.78 -6.77
CA ASP B 145 -6.00 -22.87 -6.08
C ASP B 145 -6.65 -24.21 -6.39
N LEU B 146 -5.97 -25.03 -7.18
CA LEU B 146 -6.48 -26.33 -7.58
C LEU B 146 -5.39 -27.37 -7.40
N LEU B 147 -5.76 -28.64 -7.45
CA LEU B 147 -4.78 -29.71 -7.32
C LEU B 147 -3.72 -29.56 -8.40
N GLY B 148 -2.46 -29.75 -8.03
CA GLY B 148 -1.37 -29.69 -8.99
C GLY B 148 -0.38 -30.81 -8.74
N ILE B 149 0.28 -31.26 -9.80
CA ILE B 149 1.34 -32.25 -9.65
C ILE B 149 2.68 -31.59 -9.90
N GLN B 150 3.57 -31.64 -8.92
CA GLN B 150 4.93 -31.14 -9.14
C GLN B 150 5.80 -32.30 -9.61
N ILE B 151 6.70 -32.03 -10.56
CA ILE B 151 7.56 -33.07 -11.11
C ILE B 151 8.99 -32.55 -11.21
N ASP B 152 9.95 -33.44 -11.42
CA ASP B 152 11.33 -33.00 -11.57
C ASP B 152 11.91 -33.23 -12.97
N ALA B 153 11.04 -33.56 -13.93
CA ALA B 153 11.42 -33.51 -15.34
C ALA B 153 11.44 -32.04 -15.76
N ALA B 154 12.46 -31.62 -16.48
CA ALA B 154 12.62 -30.21 -16.79
C ALA B 154 11.48 -29.67 -17.66
N ILE B 155 10.88 -28.57 -17.22
CA ILE B 155 9.87 -27.87 -18.00
C ILE B 155 10.43 -26.49 -18.37
N ASN B 156 10.39 -26.18 -19.66
CA ASN B 156 10.97 -24.94 -20.17
C ASN B 156 9.92 -24.14 -20.94
N PRO B 157 10.18 -22.84 -21.18
CA PRO B 157 9.21 -22.07 -21.98
C PRO B 157 8.96 -22.74 -23.34
N GLY B 158 7.70 -22.86 -23.74
CA GLY B 158 7.34 -23.59 -24.94
C GLY B 158 6.72 -24.95 -24.64
N ASN B 159 7.04 -25.52 -23.49
CA ASN B 159 6.42 -26.77 -23.04
C ASN B 159 4.94 -26.60 -22.68
N SER B 160 4.55 -25.37 -22.32
CA SER B 160 3.17 -25.06 -21.95
C SER B 160 2.17 -25.75 -22.86
N GLY B 161 1.23 -26.48 -22.27
CA GLY B 161 0.14 -27.06 -23.03
C GLY B 161 0.41 -28.46 -23.56
N GLY B 162 1.63 -28.94 -23.39
CA GLY B 162 1.99 -30.29 -23.79
C GLY B 162 1.71 -31.31 -22.70
N PRO B 163 1.68 -32.60 -23.05
CA PRO B 163 1.32 -33.63 -22.06
C PRO B 163 2.49 -34.12 -21.22
N ALA B 164 2.18 -34.56 -20.01
CA ALA B 164 3.08 -35.37 -19.20
C ALA B 164 2.53 -36.79 -19.23
N PHE B 165 3.41 -37.79 -19.41
CA PHE B 165 3.00 -39.18 -19.56
C PHE B 165 3.52 -40.07 -18.43
N ASN B 166 2.72 -41.05 -18.02
CA ASN B 166 3.25 -42.11 -17.20
C ASN B 166 3.98 -43.12 -18.09
N ASP B 167 4.56 -44.18 -17.50
CA ASP B 167 5.34 -45.10 -18.33
C ASP B 167 4.47 -46.02 -19.18
N GLN B 168 3.16 -45.92 -19.02
CA GLN B 168 2.26 -46.69 -19.85
C GLN B 168 1.78 -45.88 -21.04
N GLY B 169 2.30 -44.66 -21.18
CA GLY B 169 1.96 -43.83 -22.32
C GLY B 169 0.61 -43.11 -22.19
N GLU B 170 0.06 -43.11 -20.99
CA GLU B 170 -1.16 -42.36 -20.70
C GLU B 170 -0.79 -40.98 -20.20
N CYS B 171 -1.59 -39.99 -20.56
CA CYS B 171 -1.35 -38.62 -20.12
C CYS B 171 -1.78 -38.43 -18.68
N ILE B 172 -0.85 -38.03 -17.81
CA ILE B 172 -1.21 -37.78 -16.41
C ILE B 172 -1.44 -36.29 -16.16
N GLY B 173 -1.30 -35.50 -17.21
CA GLY B 173 -1.64 -34.09 -17.09
C GLY B 173 -0.98 -33.19 -18.12
N VAL B 174 -1.11 -31.88 -17.90
CA VAL B 174 -0.63 -30.88 -18.83
C VAL B 174 0.45 -30.02 -18.18
N ALA B 175 1.65 -30.05 -18.74
CA ALA B 175 2.75 -29.20 -18.27
C ALA B 175 2.34 -27.74 -18.45
N PHE B 176 2.44 -26.94 -17.39
CA PHE B 176 1.88 -25.58 -17.49
C PHE B 176 2.63 -24.44 -16.81
N GLN B 177 3.42 -24.73 -15.78
CA GLN B 177 4.14 -23.65 -15.09
C GLN B 177 5.34 -24.16 -14.30
N VAL B 178 6.20 -23.24 -13.90
CA VAL B 178 7.35 -23.59 -13.10
C VAL B 178 7.54 -22.62 -11.95
N TYR B 179 8.37 -23.03 -10.99
CA TYR B 179 8.81 -22.17 -9.91
C TYR B 179 10.30 -21.95 -10.19
N ARG B 180 10.66 -20.77 -10.69
CA ARG B 180 12.05 -20.48 -11.02
C ARG B 180 12.60 -19.35 -10.15
N SER B 181 13.73 -19.62 -9.51
CA SER B 181 14.47 -18.59 -8.80
C SER B 181 15.94 -18.97 -8.91
N GLU B 182 16.81 -18.07 -8.49
CA GLU B 182 18.24 -18.38 -8.46
C GLU B 182 18.51 -19.54 -7.52
N GLU B 183 17.59 -19.81 -6.61
CA GLU B 183 17.82 -20.79 -5.58
C GLU B 183 17.26 -22.18 -5.91
N THR B 184 16.38 -22.27 -6.90
CA THR B 184 15.70 -23.56 -7.15
C THR B 184 16.01 -24.23 -8.49
N GLU B 185 15.71 -25.53 -8.54
CA GLU B 185 15.99 -26.36 -9.71
C GLU B 185 14.91 -27.41 -9.84
N ASN B 186 14.43 -27.63 -11.07
CA ASN B 186 13.54 -28.76 -11.35
C ASN B 186 12.27 -28.77 -10.50
N ILE B 187 11.70 -27.58 -10.30
CA ILE B 187 10.39 -27.46 -9.68
C ILE B 187 9.40 -27.03 -10.77
N GLY B 188 8.70 -28.03 -11.34
CA GLY B 188 7.78 -27.78 -12.43
C GLY B 188 6.42 -28.38 -12.11
N TYR B 189 5.38 -27.83 -12.72
CA TYR B 189 4.04 -28.26 -12.37
C TYR B 189 3.21 -28.72 -13.58
N VAL B 190 2.26 -29.60 -13.30
CA VAL B 190 1.42 -30.23 -14.30
C VAL B 190 -0.03 -30.14 -13.81
N ILE B 191 -0.95 -29.76 -14.71
CA ILE B 191 -2.37 -29.78 -14.40
C ILE B 191 -2.81 -31.24 -14.44
N PRO B 192 -3.31 -31.78 -13.32
CA PRO B 192 -3.63 -33.21 -13.21
C PRO B 192 -4.83 -33.61 -14.06
N THR B 193 -4.92 -34.89 -14.42
CA THR B 193 -6.06 -35.37 -15.20
C THR B 193 -7.41 -35.16 -14.51
N THR B 194 -7.41 -35.16 -13.18
CA THR B 194 -8.64 -34.93 -12.42
C THR B 194 -9.20 -33.54 -12.71
N VAL B 195 -8.31 -32.56 -12.79
CA VAL B 195 -8.71 -31.19 -13.15
C VAL B 195 -9.10 -31.10 -14.61
N VAL B 196 -8.34 -31.77 -15.48
CA VAL B 196 -8.66 -31.80 -16.91
C VAL B 196 -10.05 -32.44 -17.13
N SER B 197 -10.30 -33.56 -16.46
CA SER B 197 -11.58 -34.26 -16.64
C SER B 197 -12.77 -33.43 -16.14
N HIS B 198 -12.56 -32.71 -15.05
CA HIS B 198 -13.57 -31.81 -14.51
C HIS B 198 -13.93 -30.76 -15.55
N PHE B 199 -12.90 -30.20 -16.20
CA PHE B 199 -13.10 -29.24 -17.29
C PHE B 199 -13.86 -29.85 -18.47
N LEU B 200 -13.43 -31.01 -18.92
CA LEU B 200 -14.05 -31.66 -20.07
C LEU B 200 -15.49 -32.10 -19.77
N THR B 201 -15.72 -32.59 -18.56
CA THR B 201 -17.04 -33.04 -18.14
C THR B 201 -17.99 -31.84 -18.05
N ASP B 202 -17.47 -30.74 -17.53
CA ASP B 202 -18.21 -29.49 -17.37
C ASP B 202 -18.65 -28.95 -18.74
N TYR B 203 -17.70 -28.86 -19.66
CA TYR B 203 -17.96 -28.41 -21.02
C TYR B 203 -18.96 -29.31 -21.76
N GLU B 204 -18.84 -30.63 -21.54
CA GLU B 204 -19.74 -31.59 -22.17
C GLU B 204 -21.17 -31.46 -21.65
N ARG B 205 -21.32 -31.30 -20.35
CA ARG B 205 -22.64 -31.14 -19.73
C ARG B 205 -23.32 -29.85 -20.18
N ASN B 206 -22.61 -28.74 -20.06
CA ASN B 206 -23.21 -27.42 -20.16
C ASN B 206 -22.97 -26.69 -21.49
N GLY B 207 -22.18 -27.31 -22.37
CA GLY B 207 -21.85 -26.69 -23.64
C GLY B 207 -20.99 -25.44 -23.46
N LYS B 208 -20.45 -25.28 -22.26
CA LYS B 208 -19.64 -24.13 -21.91
C LYS B 208 -18.92 -24.37 -20.59
N TYR B 209 -17.96 -23.51 -20.27
CA TYR B 209 -17.19 -23.61 -19.03
C TYR B 209 -17.94 -22.94 -17.89
N THR B 210 -18.18 -23.67 -16.81
CA THR B 210 -18.88 -23.10 -15.66
C THR B 210 -18.00 -22.99 -14.40
N GLY B 211 -16.72 -23.31 -14.53
CA GLY B 211 -15.77 -23.04 -13.46
C GLY B 211 -15.56 -24.12 -12.42
N PHE B 212 -14.85 -23.74 -11.35
CA PHE B 212 -14.58 -24.62 -10.21
C PHE B 212 -15.08 -23.94 -8.95
N PRO B 213 -16.00 -24.59 -8.24
CA PRO B 213 -16.57 -23.94 -7.05
C PRO B 213 -15.57 -23.78 -5.92
N VAL B 214 -15.75 -22.69 -5.18
CA VAL B 214 -14.99 -22.43 -3.97
C VAL B 214 -15.88 -21.60 -3.07
N LEU B 215 -16.13 -22.08 -1.86
CA LEU B 215 -17.05 -21.37 -0.98
C LEU B 215 -16.46 -20.06 -0.51
N GLY B 216 -17.33 -19.07 -0.36
CA GLY B 216 -16.90 -17.73 -0.02
C GLY B 216 -16.73 -17.53 1.46
N ILE B 217 -15.78 -18.24 2.05
CA ILE B 217 -15.47 -18.05 3.46
C ILE B 217 -13.97 -17.86 3.68
N GLU B 218 -13.64 -16.96 4.61
CA GLU B 218 -12.29 -16.85 5.10
C GLU B 218 -12.28 -17.52 6.46
N TRP B 219 -11.22 -18.25 6.77
CA TRP B 219 -11.16 -19.02 8.01
C TRP B 219 -9.85 -18.85 8.76
N GLN B 220 -9.87 -19.23 10.03
CA GLN B 220 -8.69 -19.17 10.90
C GLN B 220 -8.44 -20.55 11.50
N LYS B 221 -7.17 -20.96 11.54
CA LYS B 221 -6.80 -22.22 12.16
C LYS B 221 -7.11 -22.21 13.66
N MET B 222 -7.40 -23.39 14.21
CA MET B 222 -7.73 -23.52 15.63
C MET B 222 -6.70 -24.40 16.34
N GLU B 223 -5.43 -24.16 16.06
CA GLU B 223 -4.35 -24.97 16.64
C GLU B 223 -4.17 -24.73 18.14
N ASN B 224 -4.61 -23.57 18.63
CA ASN B 224 -4.44 -23.24 20.04
C ASN B 224 -5.54 -23.79 20.95
N PRO B 225 -5.14 -24.49 22.02
CA PRO B 225 -6.06 -25.13 22.97
C PRO B 225 -6.96 -24.15 23.73
N ASP B 226 -6.39 -23.02 24.16
CA ASP B 226 -7.19 -22.01 24.84
C ASP B 226 -8.26 -21.45 23.91
N LEU B 227 -7.88 -21.24 22.65
CA LEU B 227 -8.82 -20.75 21.64
C LEU B 227 -10.00 -21.70 21.47
N ARG B 228 -9.70 -22.99 21.29
CA ARG B 228 -10.74 -24.01 21.15
C ARG B 228 -11.61 -24.10 22.41
N LYS B 229 -10.96 -24.14 23.57
CA LYS B 229 -11.65 -24.27 24.84
C LYS B 229 -12.58 -23.09 25.08
N SER B 230 -12.11 -21.89 24.75
CA SER B 230 -12.87 -20.67 25.00
C SER B 230 -14.13 -20.59 24.15
N MET B 231 -14.13 -21.31 23.03
CA MET B 231 -15.29 -21.30 22.13
C MET B 231 -16.17 -22.52 22.31
N GLY B 232 -15.95 -23.24 23.42
CA GLY B 232 -16.80 -24.35 23.79
C GLY B 232 -16.59 -25.61 22.98
N MET B 233 -15.38 -25.82 22.48
CA MET B 233 -15.06 -27.06 21.78
C MET B 233 -14.65 -28.12 22.78
N GLU B 234 -15.16 -29.34 22.60
CA GLU B 234 -14.74 -30.46 23.44
C GLU B 234 -13.33 -30.88 23.07
N SER B 235 -12.68 -31.65 23.95
CA SER B 235 -11.28 -32.00 23.78
C SER B 235 -11.01 -32.86 22.55
N HIS B 236 -12.08 -33.45 22.00
CA HIS B 236 -11.94 -34.34 20.85
C HIS B 236 -12.28 -33.63 19.54
N GLN B 237 -13.01 -32.52 19.64
CA GLN B 237 -13.47 -31.79 18.46
C GLN B 237 -12.36 -30.95 17.81
N LYS B 238 -12.43 -30.83 16.48
CA LYS B 238 -11.49 -30.02 15.73
C LYS B 238 -12.15 -29.35 14.53
N GLY B 239 -11.55 -28.29 14.01
CA GLY B 239 -12.10 -27.61 12.85
C GLY B 239 -11.49 -26.23 12.63
N VAL B 240 -12.17 -25.41 11.83
CA VAL B 240 -11.69 -24.06 11.54
C VAL B 240 -12.73 -23.01 11.85
N ARG B 241 -12.26 -21.85 12.28
CA ARG B 241 -13.13 -20.75 12.67
C ARG B 241 -13.41 -19.83 11.49
N ILE B 242 -14.68 -19.55 11.23
CA ILE B 242 -15.03 -18.64 10.15
C ILE B 242 -14.70 -17.19 10.53
N ARG B 243 -13.82 -16.57 9.75
CA ARG B 243 -13.46 -15.18 9.97
C ARG B 243 -14.51 -14.27 9.36
N ARG B 244 -14.92 -14.61 8.13
CA ARG B 244 -15.64 -13.66 7.30
C ARG B 244 -16.32 -14.40 6.14
N ILE B 245 -17.52 -13.93 5.77
CA ILE B 245 -18.29 -14.58 4.71
C ILE B 245 -18.67 -13.63 3.59
N GLU B 246 -18.42 -14.04 2.34
CA GLU B 246 -18.79 -13.26 1.17
C GLU B 246 -20.29 -12.97 1.19
N PRO B 247 -20.66 -11.68 1.21
CA PRO B 247 -22.08 -11.30 1.21
C PRO B 247 -22.83 -11.86 0.01
N THR B 248 -22.14 -12.01 -1.11
CA THR B 248 -22.76 -12.53 -2.34
C THR B 248 -22.73 -14.05 -2.41
N ALA B 249 -22.38 -14.70 -1.33
CA ALA B 249 -22.39 -16.17 -1.28
C ALA B 249 -23.60 -16.68 -0.51
N PRO B 250 -24.23 -17.76 -1.00
CA PRO B 250 -25.38 -18.39 -0.34
C PRO B 250 -25.15 -18.65 1.14
N GLU B 251 -23.94 -19.07 1.52
CA GLU B 251 -23.65 -19.39 2.92
C GLU B 251 -23.71 -18.19 3.86
N SER B 252 -23.79 -16.98 3.30
CA SER B 252 -23.94 -15.78 4.12
C SER B 252 -25.32 -15.75 4.77
N GLN B 253 -26.23 -16.56 4.22
CA GLN B 253 -27.60 -16.62 4.73
C GLN B 253 -27.72 -17.55 5.93
N VAL B 254 -26.85 -18.56 6.00
CA VAL B 254 -26.99 -19.60 7.02
C VAL B 254 -25.78 -19.72 7.95
N LEU B 255 -24.59 -19.45 7.42
CA LEU B 255 -23.38 -19.50 8.23
C LEU B 255 -23.12 -18.15 8.88
N LYS B 256 -22.39 -18.15 9.98
CA LYS B 256 -22.09 -16.92 10.69
C LYS B 256 -20.62 -16.85 11.07
N PRO B 257 -20.06 -15.63 11.17
CA PRO B 257 -18.69 -15.48 11.66
C PRO B 257 -18.51 -16.09 13.04
N SER B 258 -17.33 -16.67 13.29
CA SER B 258 -17.01 -17.40 14.53
C SER B 258 -17.71 -18.75 14.68
N ASP B 259 -18.46 -19.17 13.66
CA ASP B 259 -18.85 -20.57 13.56
C ASP B 259 -17.57 -21.38 13.46
N ILE B 260 -17.58 -22.58 14.02
CA ILE B 260 -16.46 -23.48 13.82
C ILE B 260 -16.90 -24.60 12.87
N ILE B 261 -16.27 -24.65 11.69
CA ILE B 261 -16.61 -25.66 10.70
C ILE B 261 -15.98 -26.98 11.10
N LEU B 262 -16.83 -27.98 11.34
CA LEU B 262 -16.38 -29.27 11.82
C LEU B 262 -16.17 -30.26 10.69
N SER B 263 -17.03 -30.18 9.68
CA SER B 263 -16.99 -31.15 8.60
C SER B 263 -17.61 -30.65 7.30
N PHE B 264 -17.24 -31.33 6.21
CA PHE B 264 -17.73 -31.03 4.89
C PHE B 264 -18.11 -32.36 4.23
N ASP B 265 -19.38 -32.50 3.87
CA ASP B 265 -19.90 -33.77 3.32
C ASP B 265 -19.60 -34.99 4.19
N GLY B 266 -19.65 -34.81 5.50
CA GLY B 266 -19.38 -35.89 6.42
C GLY B 266 -17.89 -36.11 6.66
N VAL B 267 -17.06 -35.32 5.98
CA VAL B 267 -15.62 -35.42 6.17
C VAL B 267 -15.12 -34.39 7.18
N ASN B 268 -14.54 -34.88 8.28
CA ASN B 268 -14.03 -34.01 9.33
C ASN B 268 -12.83 -33.17 8.90
N ILE B 269 -12.86 -31.90 9.27
CA ILE B 269 -11.77 -30.96 8.99
C ILE B 269 -10.91 -30.75 10.22
N ALA B 270 -9.59 -30.89 10.07
CA ALA B 270 -8.67 -30.72 11.18
C ALA B 270 -8.50 -29.24 11.57
N ASN B 271 -7.80 -29.00 12.67
CA ASN B 271 -7.56 -27.65 13.15
C ASN B 271 -6.75 -26.78 12.18
N ASP B 272 -6.03 -27.44 11.26
CA ASP B 272 -5.24 -26.71 10.28
C ASP B 272 -5.92 -26.60 8.92
N GLY B 273 -7.20 -26.98 8.88
CA GLY B 273 -7.99 -26.88 7.66
C GLY B 273 -7.79 -28.00 6.66
N THR B 274 -7.17 -29.09 7.09
CA THR B 274 -6.93 -30.21 6.17
C THR B 274 -7.90 -31.38 6.37
N VAL B 275 -8.01 -32.20 5.34
CA VAL B 275 -8.85 -33.40 5.35
C VAL B 275 -8.00 -34.56 4.81
N PRO B 276 -8.42 -35.81 5.06
CA PRO B 276 -7.71 -36.94 4.46
C PRO B 276 -7.67 -36.84 2.94
N PHE B 277 -6.53 -37.18 2.36
CA PHE B 277 -6.37 -37.10 0.92
C PHE B 277 -6.26 -38.50 0.33
N ARG B 278 -5.05 -39.04 0.32
CA ARG B 278 -4.81 -40.39 -0.17
C ARG B 278 -3.38 -40.81 0.16
N HIS B 279 -3.17 -42.12 0.29
CA HIS B 279 -1.87 -42.70 0.57
C HIS B 279 -1.16 -42.04 1.76
N GLY B 280 -1.89 -41.81 2.84
CA GLY B 280 -1.32 -41.32 4.09
C GLY B 280 -1.04 -39.84 4.14
N GLU B 281 -1.57 -39.10 3.17
CA GLU B 281 -1.38 -37.65 3.12
C GLU B 281 -2.68 -36.93 3.42
N ARG B 282 -2.59 -35.66 3.81
CA ARG B 282 -3.76 -34.82 4.00
C ARG B 282 -3.78 -33.72 2.94
N ILE B 283 -4.88 -33.00 2.82
CA ILE B 283 -5.01 -31.94 1.81
C ILE B 283 -5.96 -30.86 2.30
N GLY B 284 -5.76 -29.63 1.84
CA GLY B 284 -6.65 -28.54 2.21
C GLY B 284 -8.07 -28.88 1.82
N PHE B 285 -9.04 -28.48 2.66
CA PHE B 285 -10.43 -28.82 2.40
C PHE B 285 -10.98 -28.23 1.10
N SER B 286 -10.28 -27.23 0.54
CA SER B 286 -10.70 -26.63 -0.72
C SER B 286 -10.78 -27.68 -1.82
N TYR B 287 -9.98 -28.73 -1.69
CA TYR B 287 -9.93 -29.79 -2.69
C TYR B 287 -11.27 -30.50 -2.79
N LEU B 288 -11.91 -30.72 -1.64
CA LEU B 288 -13.22 -31.35 -1.63
C LEU B 288 -14.25 -30.49 -2.36
N ILE B 289 -14.14 -29.18 -2.18
CA ILE B 289 -15.05 -28.25 -2.84
C ILE B 289 -14.77 -28.15 -4.34
N SER B 290 -13.49 -28.07 -4.68
CA SER B 290 -13.07 -27.93 -6.08
C SER B 290 -13.48 -29.10 -6.97
N GLN B 291 -13.55 -30.31 -6.41
CA GLN B 291 -13.88 -31.46 -7.24
C GLN B 291 -15.38 -31.55 -7.57
N LYS B 292 -16.19 -30.76 -6.89
CA LYS B 292 -17.60 -30.65 -7.23
C LYS B 292 -17.81 -29.66 -8.36
N TYR B 293 -19.04 -29.57 -8.88
CA TYR B 293 -19.33 -28.65 -9.96
C TYR B 293 -20.23 -27.53 -9.47
N THR B 294 -20.15 -26.37 -10.12
CA THR B 294 -21.00 -25.26 -9.75
C THR B 294 -22.46 -25.67 -9.92
N GLY B 295 -23.26 -25.36 -8.91
CA GLY B 295 -24.64 -25.82 -8.89
C GLY B 295 -24.83 -27.00 -7.96
N ASP B 296 -23.75 -27.72 -7.66
CA ASP B 296 -23.82 -28.81 -6.70
C ASP B 296 -24.01 -28.23 -5.31
N SER B 297 -24.39 -29.09 -4.37
CA SER B 297 -24.51 -28.68 -2.98
C SER B 297 -23.55 -29.47 -2.11
N ALA B 298 -23.33 -28.99 -0.90
CA ALA B 298 -22.48 -29.68 0.06
C ALA B 298 -23.08 -29.50 1.44
N LEU B 299 -22.88 -30.50 2.30
CA LEU B 299 -23.38 -30.44 3.66
C LEU B 299 -22.30 -29.93 4.60
N VAL B 300 -22.55 -28.78 5.22
CA VAL B 300 -21.60 -28.18 6.14
C VAL B 300 -22.09 -28.27 7.57
N LYS B 301 -21.26 -28.83 8.45
CA LYS B 301 -21.61 -28.95 9.85
C LYS B 301 -20.77 -27.97 10.67
N VAL B 302 -21.42 -27.10 11.41
CA VAL B 302 -20.72 -26.11 12.22
C VAL B 302 -21.10 -26.15 13.69
N LEU B 303 -20.16 -25.72 14.53
CA LEU B 303 -20.44 -25.53 15.95
C LEU B 303 -20.71 -24.06 16.21
N ARG B 304 -21.82 -23.77 16.86
CA ARG B 304 -22.22 -22.40 17.14
C ARG B 304 -22.92 -22.33 18.49
N ASN B 305 -22.27 -21.69 19.46
CA ASN B 305 -22.78 -21.61 20.83
C ASN B 305 -23.13 -22.98 21.39
N LYS B 306 -22.15 -23.87 21.39
CA LYS B 306 -22.28 -25.25 21.89
C LYS B 306 -23.20 -26.15 21.05
N GLU B 307 -23.96 -25.55 20.14
CA GLU B 307 -24.90 -26.30 19.31
C GLU B 307 -24.30 -26.70 17.98
N ILE B 308 -24.48 -27.96 17.60
CA ILE B 308 -24.04 -28.44 16.29
C ILE B 308 -25.16 -28.28 15.26
N LEU B 309 -24.90 -27.50 14.22
CA LEU B 309 -25.90 -27.27 13.17
C LEU B 309 -25.42 -27.81 11.82
N GLU B 310 -26.36 -28.16 10.96
CA GLU B 310 -26.05 -28.62 9.62
C GLU B 310 -26.80 -27.85 8.54
N PHE B 311 -26.12 -27.57 7.44
CA PHE B 311 -26.73 -26.82 6.33
C PHE B 311 -26.33 -27.40 4.98
N ASN B 312 -27.28 -27.41 4.05
CA ASN B 312 -27.02 -27.82 2.69
C ASN B 312 -26.77 -26.58 1.83
N ILE B 313 -25.52 -26.36 1.47
CA ILE B 313 -25.12 -25.12 0.80
C ILE B 313 -24.81 -25.33 -0.67
N LYS B 314 -25.44 -24.52 -1.52
CA LYS B 314 -25.20 -24.56 -2.94
C LYS B 314 -23.85 -23.91 -3.25
N LEU B 315 -23.10 -24.50 -4.18
CA LEU B 315 -21.73 -24.08 -4.46
C LEU B 315 -21.63 -23.26 -5.73
N ALA B 316 -20.78 -22.25 -5.72
CA ALA B 316 -20.61 -21.37 -6.87
C ALA B 316 -19.14 -21.00 -7.06
N ILE B 317 -18.82 -20.37 -8.19
CA ILE B 317 -17.46 -19.88 -8.40
C ILE B 317 -17.18 -18.70 -7.50
N HIS B 318 -15.90 -18.35 -7.37
CA HIS B 318 -15.52 -17.17 -6.61
C HIS B 318 -15.37 -15.97 -7.55
N LYS B 319 -15.99 -14.86 -7.18
CA LYS B 319 -15.91 -13.64 -7.96
C LYS B 319 -15.30 -12.52 -7.13
N ARG B 320 -14.09 -12.10 -7.50
CA ARG B 320 -13.41 -11.02 -6.79
C ARG B 320 -13.97 -9.67 -7.19
N LEU B 321 -13.95 -8.72 -6.26
CA LEU B 321 -14.33 -7.35 -6.55
C LEU B 321 -13.39 -6.79 -7.63
N ILE B 322 -12.11 -7.08 -7.47
CA ILE B 322 -11.09 -6.72 -8.45
C ILE B 322 -10.63 -8.00 -9.14
N PRO B 323 -11.20 -8.29 -10.32
CA PRO B 323 -10.97 -9.56 -11.00
C PRO B 323 -9.53 -9.79 -11.45
N ALA B 324 -9.10 -11.04 -11.39
CA ALA B 324 -7.77 -11.43 -11.81
C ALA B 324 -7.66 -11.43 -13.33
N HIS B 325 -8.78 -11.67 -14.00
CA HIS B 325 -8.79 -11.69 -15.46
C HIS B 325 -10.04 -11.05 -16.06
N ILE B 326 -9.88 -10.46 -17.22
CA ILE B 326 -10.99 -9.94 -18.01
C ILE B 326 -11.06 -10.75 -19.29
N SER B 327 -12.03 -11.65 -19.38
CA SER B 327 -12.08 -12.59 -20.50
C SER B 327 -13.45 -12.59 -21.19
N GLY B 328 -13.45 -12.80 -22.49
CA GLY B 328 -14.68 -12.86 -23.26
C GLY B 328 -15.16 -11.48 -23.69
N LYS B 329 -14.40 -10.46 -23.33
CA LYS B 329 -14.75 -9.08 -23.70
C LYS B 329 -13.55 -8.16 -23.55
N PRO B 330 -13.52 -7.07 -24.34
CA PRO B 330 -12.55 -6.00 -24.09
C PRO B 330 -12.90 -5.31 -22.77
N PRO B 331 -11.94 -4.61 -22.16
CA PRO B 331 -12.23 -3.94 -20.88
C PRO B 331 -13.26 -2.85 -21.07
N SER B 332 -14.18 -2.72 -20.11
CA SER B 332 -15.28 -1.77 -20.24
C SER B 332 -14.81 -0.37 -19.93
N TYR B 333 -15.39 0.62 -20.62
CA TYR B 333 -15.11 2.01 -20.33
C TYR B 333 -16.22 2.88 -20.88
N PHE B 334 -16.29 4.10 -20.37
CA PHE B 334 -17.14 5.12 -20.99
C PHE B 334 -16.59 6.49 -20.65
N ILE B 335 -16.80 7.44 -21.55
CA ILE B 335 -16.18 8.75 -21.44
C ILE B 335 -17.22 9.85 -21.50
N VAL B 336 -17.11 10.81 -20.58
CA VAL B 336 -17.92 12.02 -20.64
C VAL B 336 -17.07 13.24 -20.32
N ALA B 337 -17.09 14.21 -21.23
CA ALA B 337 -16.32 15.43 -21.08
C ALA B 337 -14.84 15.18 -20.82
N GLY B 338 -14.30 14.13 -21.44
CA GLY B 338 -12.90 13.82 -21.32
C GLY B 338 -12.55 12.92 -20.14
N PHE B 339 -13.46 12.78 -19.20
CA PHE B 339 -13.26 11.85 -18.09
C PHE B 339 -13.39 10.44 -18.60
N VAL B 340 -12.34 9.64 -18.43
CA VAL B 340 -12.38 8.23 -18.82
C VAL B 340 -12.69 7.39 -17.59
N PHE B 341 -13.87 6.77 -17.56
CA PHE B 341 -14.23 5.90 -16.45
C PHE B 341 -14.01 4.44 -16.83
N THR B 342 -13.45 3.66 -15.91
CA THR B 342 -13.26 2.24 -16.16
C THR B 342 -13.35 1.48 -14.84
N THR B 343 -13.10 0.18 -14.87
CA THR B 343 -13.13 -0.59 -13.65
C THR B 343 -11.74 -1.06 -13.27
N VAL B 344 -11.54 -1.33 -11.98
CA VAL B 344 -10.26 -1.80 -11.51
C VAL B 344 -10.19 -3.33 -11.57
N SER B 345 -9.17 -3.83 -12.23
CA SER B 345 -8.90 -5.25 -12.30
C SER B 345 -7.41 -5.43 -12.12
N VAL B 346 -6.98 -6.66 -11.88
CA VAL B 346 -5.54 -6.95 -11.83
C VAL B 346 -4.81 -6.55 -13.12
N PRO B 347 -5.35 -6.92 -14.30
CA PRO B 347 -4.66 -6.48 -15.53
C PRO B 347 -4.57 -4.94 -15.66
N TYR B 348 -5.59 -4.23 -15.18
CA TYR B 348 -5.54 -2.77 -15.18
C TYR B 348 -4.40 -2.26 -14.28
N LEU B 349 -4.31 -2.78 -13.07
CA LEU B 349 -3.27 -2.38 -12.13
C LEU B 349 -1.87 -2.66 -12.69
N ARG B 350 -1.71 -3.82 -13.31
CA ARG B 350 -0.43 -4.19 -13.92
C ARG B 350 -0.06 -3.26 -15.07
N SER B 351 -1.05 -2.87 -15.87
CA SER B 351 -0.82 -1.96 -16.98
C SER B 351 -0.45 -0.57 -16.49
N GLU B 352 -1.09 -0.14 -15.41
CA GLU B 352 -0.89 1.21 -14.88
C GLU B 352 0.40 1.36 -14.08
N TYR B 353 0.76 0.33 -13.33
CA TYR B 353 1.87 0.45 -12.38
C TYR B 353 2.98 -0.57 -12.57
N GLY B 354 2.88 -1.36 -13.63
CA GLY B 354 3.93 -2.32 -13.96
C GLY B 354 3.82 -3.62 -13.22
N LYS B 355 4.84 -4.48 -13.38
CA LYS B 355 4.87 -5.78 -12.74
C LYS B 355 4.90 -5.66 -11.22
N GLU B 356 5.35 -4.51 -10.73
CA GLU B 356 5.43 -4.27 -9.29
C GLU B 356 4.24 -3.46 -8.81
N TYR B 357 3.08 -3.69 -9.41
CA TYR B 357 1.88 -2.93 -9.07
C TYR B 357 1.46 -3.16 -7.62
N GLU B 358 1.75 -4.35 -7.10
CA GLU B 358 1.35 -4.71 -5.74
C GLU B 358 2.08 -3.87 -4.69
N PHE B 359 3.07 -3.10 -5.12
CA PHE B 359 3.81 -2.23 -4.23
C PHE B 359 3.73 -0.76 -4.66
N ASP B 360 3.47 -0.54 -5.93
CA ASP B 360 3.49 0.82 -6.49
C ASP B 360 2.11 1.46 -6.68
N ALA B 361 1.07 0.65 -6.71
CA ALA B 361 -0.29 1.17 -6.90
C ALA B 361 -0.74 1.92 -5.65
N PRO B 362 -1.70 2.87 -5.81
CA PRO B 362 -2.21 3.59 -4.65
C PRO B 362 -2.68 2.65 -3.54
N VAL B 363 -2.30 2.97 -2.31
CA VAL B 363 -2.62 2.14 -1.15
C VAL B 363 -4.12 1.88 -1.02
N LYS B 364 -4.93 2.87 -1.39
CA LYS B 364 -6.38 2.72 -1.37
C LYS B 364 -6.83 1.57 -2.26
N LEU B 365 -6.25 1.48 -3.45
CA LEU B 365 -6.65 0.47 -4.43
C LEU B 365 -6.16 -0.93 -4.06
N LEU B 366 -4.92 -1.01 -3.58
CA LEU B 366 -4.35 -2.29 -3.13
C LEU B 366 -5.12 -2.84 -1.94
N GLU B 367 -5.59 -1.93 -1.09
CA GLU B 367 -6.36 -2.31 0.09
C GLU B 367 -7.58 -3.12 -0.32
N LYS B 368 -8.27 -2.64 -1.34
CA LYS B 368 -9.45 -3.32 -1.83
C LYS B 368 -9.10 -4.58 -2.62
N HIS B 369 -7.95 -4.56 -3.28
CA HIS B 369 -7.46 -5.72 -4.04
C HIS B 369 -7.19 -6.90 -3.12
N LEU B 370 -6.63 -6.63 -1.96
CA LEU B 370 -6.24 -7.69 -1.05
C LEU B 370 -7.33 -8.11 -0.07
N HIS B 371 -8.20 -7.17 0.30
CA HIS B 371 -9.05 -7.39 1.47
C HIS B 371 -10.56 -7.17 1.28
N ALA B 372 -10.96 -6.38 0.30
CA ALA B 372 -12.38 -6.03 0.15
C ALA B 372 -13.22 -7.15 -0.47
N MET B 373 -14.40 -7.37 0.07
CA MET B 373 -15.36 -8.29 -0.53
C MET B 373 -16.48 -7.53 -1.22
N ALA B 374 -16.95 -8.06 -2.33
CA ALA B 374 -18.10 -7.49 -3.03
C ALA B 374 -19.32 -7.51 -2.10
N GLN B 375 -20.03 -6.39 -2.01
CA GLN B 375 -21.19 -6.28 -1.13
C GLN B 375 -22.48 -6.65 -1.86
N SER B 376 -22.46 -6.53 -3.18
CA SER B 376 -23.61 -6.87 -4.00
C SER B 376 -23.13 -7.59 -5.24
N VAL B 377 -24.03 -8.34 -5.88
CA VAL B 377 -23.70 -9.02 -7.12
C VAL B 377 -23.37 -7.99 -8.20
N ASP B 378 -22.37 -8.30 -9.01
CA ASP B 378 -21.93 -7.43 -10.11
C ASP B 378 -21.35 -6.10 -9.67
N GLU B 379 -21.02 -5.98 -8.38
CA GLU B 379 -20.34 -4.78 -7.89
C GLU B 379 -18.95 -4.66 -8.52
N GLN B 380 -18.56 -3.45 -8.89
CA GLN B 380 -17.24 -3.19 -9.45
C GLN B 380 -16.63 -1.95 -8.81
N LEU B 381 -15.30 -1.90 -8.75
CA LEU B 381 -14.60 -0.70 -8.31
C LEU B 381 -14.42 0.22 -9.52
N VAL B 382 -15.14 1.34 -9.53
CA VAL B 382 -15.08 2.26 -10.66
C VAL B 382 -14.11 3.39 -10.37
N VAL B 383 -13.24 3.69 -11.32
CA VAL B 383 -12.33 4.82 -11.16
C VAL B 383 -12.36 5.76 -12.35
N VAL B 384 -11.98 7.00 -12.09
CA VAL B 384 -11.55 7.89 -13.14
C VAL B 384 -10.12 7.46 -13.45
N SER B 385 -9.91 6.94 -14.65
CA SER B 385 -8.60 6.47 -15.06
C SER B 385 -7.69 7.67 -15.30
N GLN B 386 -8.17 8.56 -16.17
CA GLN B 386 -7.46 9.77 -16.52
C GLN B 386 -8.43 10.79 -17.05
N VAL B 387 -7.98 12.03 -17.14
CA VAL B 387 -8.79 13.10 -17.70
C VAL B 387 -8.15 13.60 -18.98
N LEU B 388 -8.84 13.37 -20.10
CA LEU B 388 -8.39 13.88 -21.38
C LEU B 388 -8.61 15.39 -21.40
N VAL B 389 -7.52 16.12 -21.29
CA VAL B 389 -7.56 17.56 -21.01
C VAL B 389 -8.33 18.39 -22.03
N SER B 390 -9.20 19.25 -21.53
CA SER B 390 -10.03 20.11 -22.35
C SER B 390 -10.53 21.27 -21.49
N ASP B 391 -11.12 22.28 -22.11
CA ASP B 391 -11.64 23.44 -21.37
C ASP B 391 -12.72 23.03 -20.39
N ILE B 392 -13.59 22.11 -20.81
CA ILE B 392 -14.70 21.64 -19.98
C ILE B 392 -14.25 21.04 -18.64
N ASN B 393 -13.06 20.44 -18.62
CA ASN B 393 -12.56 19.79 -17.40
C ASN B 393 -11.43 20.53 -16.70
N ILE B 394 -11.38 21.85 -16.89
CA ILE B 394 -10.38 22.68 -16.23
C ILE B 394 -10.41 22.49 -14.71
N GLY B 395 -9.23 22.34 -14.12
CA GLY B 395 -9.12 22.14 -12.69
C GLY B 395 -9.11 20.68 -12.26
N TYR B 396 -9.46 19.77 -13.16
CA TYR B 396 -9.58 18.35 -12.82
C TYR B 396 -8.52 17.50 -13.50
N GLU B 397 -7.56 18.14 -14.14
CA GLU B 397 -6.62 17.45 -15.03
C GLU B 397 -5.72 16.44 -14.33
N GLU B 398 -5.43 16.68 -13.06
CA GLU B 398 -4.48 15.83 -12.35
C GLU B 398 -5.11 14.55 -11.80
N ILE B 399 -6.42 14.45 -11.89
CA ILE B 399 -7.12 13.28 -11.38
C ILE B 399 -6.72 11.99 -12.10
N VAL B 400 -6.17 11.05 -11.35
CA VAL B 400 -5.82 9.73 -11.89
C VAL B 400 -6.22 8.65 -10.89
N ASN B 401 -6.69 7.52 -11.41
CA ASN B 401 -6.98 6.32 -10.63
C ASN B 401 -7.62 6.55 -9.26
N THR B 402 -8.73 7.29 -9.28
CA THR B 402 -9.43 7.65 -8.06
C THR B 402 -10.86 7.11 -8.09
N GLN B 403 -11.23 6.37 -7.05
CA GLN B 403 -12.51 5.67 -7.02
C GLN B 403 -13.69 6.63 -7.05
N VAL B 404 -14.70 6.29 -7.84
CA VAL B 404 -15.96 7.04 -7.87
C VAL B 404 -16.95 6.36 -6.93
N VAL B 405 -17.38 7.07 -5.89
CA VAL B 405 -18.22 6.45 -4.86
C VAL B 405 -19.71 6.77 -5.00
N ALA B 406 -20.03 7.95 -5.52
CA ALA B 406 -21.43 8.33 -5.68
C ALA B 406 -21.64 9.32 -6.83
N PHE B 407 -22.84 9.28 -7.41
CA PHE B 407 -23.22 10.23 -8.46
C PHE B 407 -24.54 10.88 -8.09
N ASN B 408 -24.55 12.21 -8.01
CA ASN B 408 -25.69 12.99 -7.56
C ASN B 408 -26.39 12.38 -6.33
N GLY B 409 -25.58 12.04 -5.33
CA GLY B 409 -26.08 11.56 -4.06
C GLY B 409 -26.42 10.08 -4.03
N LYS B 410 -26.23 9.40 -5.16
CA LYS B 410 -26.58 7.99 -5.26
C LYS B 410 -25.32 7.13 -5.37
N PRO B 411 -25.26 6.04 -4.59
CA PRO B 411 -24.09 5.15 -4.56
C PRO B 411 -23.80 4.53 -5.93
N VAL B 412 -22.53 4.51 -6.30
CA VAL B 412 -22.13 3.88 -7.55
C VAL B 412 -21.81 2.41 -7.29
N LYS B 413 -22.53 1.53 -7.99
CA LYS B 413 -22.39 0.11 -7.78
C LYS B 413 -21.40 -0.52 -8.76
N ASN B 414 -21.50 -0.12 -10.01
CA ASN B 414 -20.62 -0.64 -11.07
C ASN B 414 -20.60 0.31 -12.26
N LEU B 415 -19.84 -0.02 -13.29
CA LEU B 415 -19.67 0.89 -14.42
C LEU B 415 -20.95 1.10 -15.21
N LYS B 416 -21.68 0.02 -15.46
CA LYS B 416 -22.95 0.10 -16.17
C LYS B 416 -23.90 1.02 -15.42
N GLY B 417 -23.93 0.87 -14.09
CA GLY B 417 -24.77 1.71 -13.25
C GLY B 417 -24.44 3.19 -13.39
N LEU B 418 -23.15 3.51 -13.34
CA LEU B 418 -22.71 4.89 -13.47
C LEU B 418 -23.01 5.45 -14.85
N ALA B 419 -22.76 4.64 -15.88
CA ALA B 419 -23.02 5.06 -17.25
C ALA B 419 -24.49 5.43 -17.46
N GLY B 420 -25.38 4.63 -16.88
CA GLY B 420 -26.80 4.87 -16.95
C GLY B 420 -27.23 6.10 -16.19
N MET B 421 -26.56 6.37 -15.07
CA MET B 421 -26.87 7.56 -14.28
C MET B 421 -26.48 8.85 -14.99
N VAL B 422 -25.33 8.86 -15.64
CA VAL B 422 -24.89 10.06 -16.35
C VAL B 422 -25.70 10.23 -17.64
N GLU B 423 -26.13 9.12 -18.22
CA GLU B 423 -26.95 9.14 -19.42
C GLU B 423 -28.31 9.77 -19.13
N ASN B 424 -28.92 9.36 -18.03
CA ASN B 424 -30.27 9.76 -17.70
C ASN B 424 -30.33 10.99 -16.78
N CYS B 425 -29.18 11.59 -16.53
CA CYS B 425 -29.10 12.75 -15.64
C CYS B 425 -29.89 13.94 -16.19
N GLU B 426 -30.85 14.41 -15.41
CA GLU B 426 -31.69 15.54 -15.80
C GLU B 426 -31.30 16.79 -15.02
N ASP B 427 -30.56 16.60 -13.93
CA ASP B 427 -30.15 17.71 -13.07
C ASP B 427 -29.26 18.70 -13.81
N GLU B 428 -29.17 19.92 -13.28
CA GLU B 428 -28.33 20.95 -13.87
C GLU B 428 -26.87 20.51 -13.84
N TYR B 429 -26.49 19.81 -12.77
CA TYR B 429 -25.11 19.41 -12.57
C TYR B 429 -24.92 17.91 -12.43
N MET B 430 -23.74 17.45 -12.85
CA MET B 430 -23.28 16.10 -12.54
C MET B 430 -22.29 16.22 -11.39
N LYS B 431 -22.62 15.63 -10.25
CA LYS B 431 -21.78 15.71 -9.07
C LYS B 431 -21.22 14.34 -8.70
N PHE B 432 -19.92 14.17 -8.87
CA PHE B 432 -19.26 12.92 -8.54
C PHE B 432 -18.55 13.03 -7.20
N ASN B 433 -18.91 12.19 -6.25
CA ASN B 433 -18.11 12.04 -5.05
C ASN B 433 -16.99 11.04 -5.34
N LEU B 434 -15.74 11.49 -5.20
CA LEU B 434 -14.58 10.63 -5.39
C LEU B 434 -13.91 10.32 -4.06
N ASP B 435 -12.99 9.35 -4.08
CA ASP B 435 -12.21 9.00 -2.92
C ASP B 435 -11.40 10.19 -2.43
N TYR B 436 -10.89 10.10 -1.20
CA TYR B 436 -10.15 11.18 -0.55
C TYR B 436 -11.02 12.41 -0.37
N ASP B 437 -12.33 12.19 -0.17
CA ASP B 437 -13.28 13.27 0.12
C ASP B 437 -13.25 14.41 -0.89
N GLN B 438 -13.20 14.04 -2.17
CA GLN B 438 -13.17 15.04 -3.24
C GLN B 438 -14.50 15.05 -3.97
N ILE B 439 -14.80 16.17 -4.61
CA ILE B 439 -16.01 16.30 -5.42
C ILE B 439 -15.64 16.86 -6.78
N VAL B 440 -16.17 16.23 -7.83
CA VAL B 440 -16.03 16.75 -9.19
C VAL B 440 -17.41 17.14 -9.69
N VAL B 441 -17.55 18.37 -10.15
CA VAL B 441 -18.84 18.86 -10.62
C VAL B 441 -18.73 19.38 -12.05
N LEU B 442 -19.66 18.96 -12.90
CA LEU B 442 -19.71 19.48 -14.26
C LEU B 442 -21.12 19.93 -14.59
N ASP B 443 -21.26 20.97 -15.40
CA ASP B 443 -22.55 21.34 -15.96
C ASP B 443 -22.99 20.21 -16.89
N THR B 444 -24.18 19.66 -16.66
CA THR B 444 -24.63 18.46 -17.37
C THR B 444 -24.73 18.65 -18.87
N LYS B 445 -25.34 19.76 -19.29
CA LYS B 445 -25.53 20.03 -20.72
C LYS B 445 -24.21 20.22 -21.45
N THR B 446 -23.35 21.08 -20.94
CA THR B 446 -22.11 21.40 -21.63
C THR B 446 -21.09 20.26 -21.58
N ALA B 447 -21.18 19.41 -20.56
CA ALA B 447 -20.24 18.31 -20.42
C ALA B 447 -20.43 17.30 -21.54
N LYS B 448 -21.68 16.92 -21.78
CA LYS B 448 -22.03 15.95 -22.81
C LYS B 448 -21.70 16.44 -24.22
N GLU B 449 -21.86 17.74 -24.44
CA GLU B 449 -21.56 18.33 -25.74
C GLU B 449 -20.07 18.27 -26.05
N ALA B 450 -19.25 18.37 -25.00
CA ALA B 450 -17.80 18.51 -25.16
C ALA B 450 -17.09 17.21 -25.49
N THR B 451 -17.80 16.09 -25.39
CA THR B 451 -17.18 14.78 -25.49
C THR B 451 -16.54 14.49 -26.86
N LEU B 452 -17.35 14.63 -27.91
CA LEU B 452 -16.97 14.22 -29.26
C LEU B 452 -15.61 14.76 -29.74
N ASP B 453 -15.39 16.06 -29.58
CA ASP B 453 -14.16 16.69 -30.05
C ASP B 453 -12.93 16.16 -29.33
N ILE B 454 -13.11 15.77 -28.07
CA ILE B 454 -12.01 15.24 -27.26
C ILE B 454 -11.56 13.88 -27.81
N LEU B 455 -12.54 13.05 -28.17
CA LEU B 455 -12.27 11.75 -28.77
C LEU B 455 -11.46 11.89 -30.05
N THR B 456 -11.85 12.87 -30.88
CA THR B 456 -11.18 13.14 -32.15
C THR B 456 -9.69 13.45 -31.93
N THR B 457 -9.42 14.26 -30.92
CA THR B 457 -8.05 14.65 -30.59
C THR B 457 -7.20 13.42 -30.24
N HIS B 458 -7.80 12.49 -29.49
CA HIS B 458 -7.07 11.32 -29.02
C HIS B 458 -7.29 10.09 -29.88
N CYS B 459 -7.89 10.30 -31.06
CA CYS B 459 -8.18 9.22 -32.01
C CYS B 459 -8.95 8.07 -31.34
N ILE B 460 -10.02 8.43 -30.66
CA ILE B 460 -10.86 7.45 -29.97
C ILE B 460 -12.16 7.25 -30.75
N PRO B 461 -12.33 6.05 -31.33
CA PRO B 461 -13.45 5.75 -32.23
C PRO B 461 -14.82 5.76 -31.56
N SER B 462 -14.89 5.56 -30.25
CA SER B 462 -16.17 5.55 -29.56
C SER B 462 -16.08 6.04 -28.13
N ALA B 463 -17.19 6.57 -27.61
CA ALA B 463 -17.24 7.12 -26.26
C ALA B 463 -17.26 6.03 -25.19
N MET B 464 -17.83 4.88 -25.54
CA MET B 464 -17.95 3.77 -24.59
C MET B 464 -17.71 2.42 -25.25
N SER B 465 -17.42 1.43 -24.42
CA SER B 465 -17.31 0.05 -24.89
C SER B 465 -18.69 -0.47 -25.26
N ASP B 466 -18.74 -1.41 -26.20
CA ASP B 466 -20.01 -1.92 -26.72
C ASP B 466 -20.91 -2.56 -25.67
N ASP B 467 -20.31 -3.09 -24.61
CA ASP B 467 -21.09 -3.74 -23.55
C ASP B 467 -21.93 -2.75 -22.75
N LEU B 468 -21.60 -1.47 -22.85
CA LEU B 468 -22.34 -0.43 -22.14
C LEU B 468 -23.38 0.23 -23.04
#